data_1K3U
#
_entry.id   1K3U
#
_cell.length_a   182.409
_cell.length_b   59.718
_cell.length_c   67.177
_cell.angle_alpha   90.00
_cell.angle_beta   94.52
_cell.angle_gamma   90.00
#
_symmetry.space_group_name_H-M   'C 1 2 1'
#
loop_
_entity.id
_entity.type
_entity.pdbx_description
1 polymer 'Tryptophan Synthase Alpha Chain'
2 polymer 'Tryptophan Synthase Beta Chain'
3 non-polymer 'N-[1H-INDOL-3-YL-ACETYL]ASPARTIC ACID'
4 non-polymer 'SODIUM ION'
5 non-polymer "PYRIDOXAL-5'-PHOSPHATE"
6 water water
#
loop_
_entity_poly.entity_id
_entity_poly.type
_entity_poly.pdbx_seq_one_letter_code
_entity_poly.pdbx_strand_id
1 'polypeptide(L)'
;MERYENLFAQLNDRREGAFVPFVTLGDPGIEQSLKIIDTLIDAGADALELGVPFSDPLADGPTIQNANLRAFAAGVTPAQ
CFEMLALIREKHPTIPIGLLMYANLVFNNGIDAFYARCEQVGVDSVLVADVPVEESAPFRQAALRHNIAPIFICPPNADD
DLLRQVASYGRGYTYLLSRSGVTGAENRGALPLHHLIEKLKEYHAAPALQGFGISSPEQVSAAVRAGAAGAISGSAIVKI
IEKNLASPKQMLAELRSFVSAMKAASRA
;
A
2 'polypeptide(L)'
;TTLLNPYFGEFGGMYVPQILMPALNQLEEAFVSAQKDPEFQAQFADLLKNYAGRPTALTKCQNITAGTRTTLYLKREDLL
HGGAHKTNQVLGQALLAKRMGKSEIIAETGAGQHGVASALASALLGLKCRIYMGAKDVERQSPNVFRMRLMGAEVIPVHS
GSATLKDACNEALRDWSGSYETAHYMLGTAAGPHPYPTIVREFQRMIGEETKAQILDKEGRLPDAVIACVGGGSNAIGMF
ADFINDTSVGLIGVEPGGHGIETGEHGAPLKHGRVGIYFGMKAPMMQTADGQIEESYSISAGLDFPSVGPQHAYLNSIGR
ADYVSITDDEALEAFKTLCRHEGIIPALESSHALAHALKMMREQPEKEQLLVVNLSGRGDKDIFTVHDILKARGEI
;
B
#
# COMPACT_ATOMS: atom_id res chain seq x y z
N MET A 1 -2.91 33.55 -0.54
CA MET A 1 -2.56 34.58 0.47
C MET A 1 -1.08 34.41 0.74
N GLU A 2 -0.58 35.03 1.79
CA GLU A 2 0.87 35.03 1.98
C GLU A 2 1.08 34.69 3.47
N ARG A 3 0.27 33.80 4.02
CA ARG A 3 0.38 33.63 5.47
C ARG A 3 1.68 33.13 5.99
N TYR A 4 2.28 32.10 5.37
CA TYR A 4 3.57 31.65 5.86
C TYR A 4 4.64 32.71 5.66
N GLU A 5 4.62 33.35 4.47
CA GLU A 5 5.66 34.37 4.24
C GLU A 5 5.54 35.44 5.29
N ASN A 6 4.31 35.86 5.58
CA ASN A 6 4.14 36.87 6.63
C ASN A 6 4.60 36.43 7.98
N LEU A 7 4.23 35.20 8.36
CA LEU A 7 4.76 34.68 9.56
C LEU A 7 6.27 34.66 9.73
N PHE A 8 6.95 34.10 8.73
CA PHE A 8 8.38 33.88 8.82
C PHE A 8 9.03 35.27 8.90
N ALA A 9 8.45 36.24 8.21
CA ALA A 9 9.02 37.61 8.21
C ALA A 9 8.91 38.20 9.60
N GLN A 10 7.77 38.01 10.20
CA GLN A 10 7.55 38.48 11.52
C GLN A 10 8.52 37.78 12.51
N LEU A 11 8.60 36.44 12.45
CA LEU A 11 9.43 35.81 13.39
C LEU A 11 10.91 36.25 13.18
N ASN A 12 11.31 36.44 11.93
CA ASN A 12 12.72 36.79 11.69
C ASN A 12 13.00 38.16 12.31
N ASP A 13 12.02 39.05 12.21
CA ASP A 13 12.18 40.38 12.82
C ASP A 13 12.32 40.25 14.35
N ARG A 14 11.84 39.17 14.91
CA ARG A 14 12.06 38.92 16.34
C ARG A 14 13.14 37.91 16.63
N ARG A 15 13.92 37.51 15.65
CA ARG A 15 14.98 36.47 15.84
C ARG A 15 14.37 35.27 16.54
N GLU A 16 13.18 34.82 16.09
CA GLU A 16 12.45 33.81 16.81
C GLU A 16 12.15 32.64 15.88
N GLY A 17 12.08 31.44 16.44
CA GLY A 17 11.73 30.26 15.59
C GLY A 17 10.23 30.07 15.73
N ALA A 18 9.69 29.31 14.75
CA ALA A 18 8.30 28.91 14.74
C ALA A 18 8.11 27.64 15.49
N PHE A 19 6.99 27.58 16.25
CA PHE A 19 6.69 26.32 16.89
C PHE A 19 5.32 25.89 16.35
N VAL A 20 5.23 24.69 15.74
CA VAL A 20 4.01 24.37 14.99
C VAL A 20 3.50 23.00 15.49
N PRO A 21 2.42 22.96 16.27
CA PRO A 21 1.91 21.68 16.68
C PRO A 21 1.03 21.04 15.60
N PHE A 22 1.03 19.72 15.67
CA PHE A 22 0.12 18.91 14.83
C PHE A 22 -0.89 18.18 15.70
N VAL A 23 -2.13 18.13 15.22
CA VAL A 23 -3.15 17.25 15.77
C VAL A 23 -3.99 16.72 14.63
N THR A 24 -4.71 15.64 14.90
CA THR A 24 -5.62 15.10 13.94
C THR A 24 -6.96 15.80 14.13
N LEU A 25 -7.55 16.31 13.05
CA LEU A 25 -8.86 16.99 13.21
C LEU A 25 -9.88 16.01 13.69
N GLY A 26 -10.64 16.43 14.71
CA GLY A 26 -11.72 15.53 15.17
C GLY A 26 -11.32 14.53 16.20
N ASP A 27 -10.07 14.51 16.61
CA ASP A 27 -9.64 13.68 17.71
C ASP A 27 -9.66 14.48 19.03
N PRO A 28 -10.40 14.05 20.07
CA PRO A 28 -11.22 12.83 20.09
C PRO A 28 -12.67 12.97 19.70
N GLY A 29 -13.07 14.18 19.40
CA GLY A 29 -14.38 14.44 18.77
C GLY A 29 -14.29 15.82 18.20
N ILE A 30 -15.32 16.22 17.46
CA ILE A 30 -15.19 17.52 16.80
C ILE A 30 -15.15 18.70 17.82
N GLU A 31 -16.07 18.71 18.78
CA GLU A 31 -16.12 19.85 19.65
C GLU A 31 -14.82 19.92 20.46
N GLN A 32 -14.33 18.78 20.94
CA GLN A 32 -13.14 18.81 21.77
C GLN A 32 -11.91 19.21 20.90
N SER A 33 -11.95 18.74 19.68
CA SER A 33 -10.82 19.03 18.80
C SER A 33 -10.76 20.54 18.56
N LEU A 34 -11.91 21.18 18.25
CA LEU A 34 -11.91 22.63 18.14
C LEU A 34 -11.38 23.34 19.37
N LYS A 35 -11.72 22.84 20.57
CA LYS A 35 -11.17 23.44 21.79
C LYS A 35 -9.68 23.22 21.92
N ILE A 36 -9.20 22.04 21.54
CA ILE A 36 -7.78 21.71 21.56
C ILE A 36 -7.06 22.68 20.67
N ILE A 37 -7.62 22.90 19.46
CA ILE A 37 -6.94 23.77 18.51
C ILE A 37 -6.90 25.24 19.02
N ASP A 38 -7.98 25.71 19.60
CA ASP A 38 -7.91 27.07 20.10
C ASP A 38 -6.92 27.17 21.25
N THR A 39 -6.84 26.14 22.08
CA THR A 39 -5.88 26.14 23.18
C THR A 39 -4.44 26.15 22.61
N LEU A 40 -4.19 25.33 21.59
CA LEU A 40 -2.83 25.37 21.00
C LEU A 40 -2.51 26.76 20.54
N ILE A 41 -3.44 27.45 19.90
CA ILE A 41 -3.14 28.79 19.40
C ILE A 41 -2.97 29.74 20.59
N ASP A 42 -3.90 29.68 21.54
CA ASP A 42 -3.78 30.65 22.64
C ASP A 42 -2.47 30.45 23.41
N ALA A 43 -1.96 29.22 23.48
CA ALA A 43 -0.77 28.93 24.18
C ALA A 43 0.50 29.31 23.44
N GLY A 44 0.36 29.68 22.17
CA GLY A 44 1.53 30.19 21.46
C GLY A 44 1.91 29.53 20.13
N ALA A 45 1.06 28.61 19.68
CA ALA A 45 1.38 27.97 18.36
C ALA A 45 1.57 29.05 17.28
N ASP A 46 2.62 28.99 16.47
CA ASP A 46 2.76 30.01 15.41
C ASP A 46 2.00 29.64 14.11
N ALA A 47 1.78 28.31 13.93
CA ALA A 47 1.04 27.81 12.76
C ALA A 47 0.45 26.48 13.19
N LEU A 48 -0.40 25.83 12.40
CA LEU A 48 -0.94 24.58 12.79
C LEU A 48 -0.68 23.59 11.61
N GLU A 49 -0.46 22.32 11.97
CA GLU A 49 -0.45 21.26 10.96
C GLU A 49 -1.61 20.34 11.42
N LEU A 50 -2.54 20.05 10.51
CA LEU A 50 -3.79 19.36 10.89
C LEU A 50 -4.01 18.13 9.98
N GLY A 51 -4.30 16.99 10.59
CA GLY A 51 -4.45 15.73 9.84
C GLY A 51 -5.92 15.50 9.60
N VAL A 52 -6.22 15.08 8.39
CA VAL A 52 -7.56 14.59 8.10
C VAL A 52 -7.57 13.07 8.30
N PRO A 53 -8.49 12.52 9.14
CA PRO A 53 -8.41 11.09 9.41
C PRO A 53 -8.55 10.25 8.16
N PHE A 54 -7.58 9.33 8.05
CA PHE A 54 -7.56 8.41 6.88
C PHE A 54 -7.44 6.97 7.36
N SER A 55 -8.13 6.07 6.62
CA SER A 55 -8.14 4.64 6.98
C SER A 55 -6.78 3.96 7.09
N ASP A 56 -5.82 4.44 6.30
CA ASP A 56 -4.55 3.68 6.21
C ASP A 56 -3.35 4.56 6.18
N PRO A 57 -3.04 5.13 7.32
CA PRO A 57 -1.97 6.17 7.43
C PRO A 57 -0.59 5.55 7.52
N LEU A 58 -0.05 5.20 6.34
CA LEU A 58 1.12 4.32 6.25
C LEU A 58 2.43 5.01 6.51
N ALA A 59 2.39 6.33 6.83
CA ALA A 59 3.60 7.01 7.31
C ALA A 59 3.51 7.39 8.78
N ASP A 60 2.52 6.87 9.48
CA ASP A 60 2.37 7.24 10.88
C ASP A 60 2.62 6.11 11.83
N GLY A 61 3.31 6.41 12.95
CA GLY A 61 3.44 5.47 14.01
C GLY A 61 2.18 5.35 14.85
N PRO A 62 2.22 4.52 15.88
CA PRO A 62 1.01 4.17 16.63
C PRO A 62 0.33 5.35 17.22
N THR A 63 1.08 6.34 17.69
CA THR A 63 0.37 7.46 18.34
C THR A 63 -0.64 8.11 17.40
N ILE A 64 -0.17 8.44 16.21
CA ILE A 64 -1.06 9.06 15.25
C ILE A 64 -2.01 8.00 14.61
N GLN A 65 -1.59 6.73 14.51
CA GLN A 65 -2.57 5.71 14.14
C GLN A 65 -3.78 5.76 15.04
N ASN A 66 -3.52 5.84 16.32
CA ASN A 66 -4.60 5.93 17.27
C ASN A 66 -5.41 7.22 17.28
N ALA A 67 -4.80 8.31 16.92
CA ALA A 67 -5.56 9.56 16.79
C ALA A 67 -6.60 9.42 15.68
N ASN A 68 -6.15 8.81 14.60
CA ASN A 68 -7.04 8.58 13.45
C ASN A 68 -8.18 7.65 13.89
N LEU A 69 -7.85 6.62 14.69
CA LEU A 69 -8.86 5.66 15.14
C LEU A 69 -9.87 6.35 16.02
N ARG A 70 -9.39 7.20 16.92
CA ARG A 70 -10.37 7.93 17.79
C ARG A 70 -11.24 8.82 16.98
N ALA A 71 -10.67 9.50 16.01
CA ALA A 71 -11.45 10.40 15.20
C ALA A 71 -12.55 9.59 14.40
N PHE A 72 -12.16 8.44 13.89
CA PHE A 72 -13.13 7.57 13.15
C PHE A 72 -14.17 7.07 14.14
N ALA A 73 -13.77 6.87 15.38
CA ALA A 73 -14.77 6.41 16.41
C ALA A 73 -15.84 7.47 16.63
N ALA A 74 -15.45 8.73 16.44
CA ALA A 74 -16.39 9.84 16.51
C ALA A 74 -17.12 10.16 15.22
N GLY A 75 -16.86 9.37 14.20
CA GLY A 75 -17.55 9.51 12.95
C GLY A 75 -17.00 10.59 12.06
N VAL A 76 -15.79 11.07 12.36
CA VAL A 76 -15.24 12.19 11.62
C VAL A 76 -14.97 11.91 10.14
N THR A 77 -15.47 12.74 9.25
CA THR A 77 -15.25 12.57 7.81
C THR A 77 -14.46 13.71 7.25
N PRO A 78 -13.93 13.57 6.03
CA PRO A 78 -13.27 14.74 5.45
C PRO A 78 -14.21 15.93 5.30
N ALA A 79 -15.47 15.72 4.95
CA ALA A 79 -16.36 16.89 4.83
C ALA A 79 -16.44 17.60 6.17
N GLN A 80 -16.54 16.82 7.25
CA GLN A 80 -16.59 17.51 8.58
C GLN A 80 -15.28 18.24 8.92
N CYS A 81 -14.16 17.67 8.48
CA CYS A 81 -12.93 18.36 8.68
C CYS A 81 -12.91 19.70 7.95
N PHE A 82 -13.40 19.74 6.72
CA PHE A 82 -13.44 21.02 5.98
C PHE A 82 -14.36 22.02 6.70
N GLU A 83 -15.44 21.57 7.36
CA GLU A 83 -16.29 22.51 8.09
C GLU A 83 -15.51 23.05 9.28
N MET A 84 -14.75 22.18 9.95
CA MET A 84 -13.89 22.58 11.07
C MET A 84 -12.90 23.60 10.59
N LEU A 85 -12.25 23.32 9.45
CA LEU A 85 -11.23 24.22 9.02
C LEU A 85 -11.80 25.62 8.79
N ALA A 86 -12.99 25.67 8.16
CA ALA A 86 -13.59 26.95 7.90
C ALA A 86 -13.81 27.76 9.20
N LEU A 87 -14.27 27.10 10.23
CA LEU A 87 -14.55 27.75 11.51
C LEU A 87 -13.27 28.18 12.17
N ILE A 88 -12.23 27.35 12.01
CA ILE A 88 -10.94 27.74 12.65
C ILE A 88 -10.41 28.97 11.98
N ARG A 89 -10.40 28.98 10.63
CA ARG A 89 -10.02 30.20 9.95
C ARG A 89 -10.88 31.42 10.26
N GLU A 90 -12.17 31.21 10.41
CA GLU A 90 -13.00 32.35 10.76
C GLU A 90 -12.64 32.93 12.09
N LYS A 91 -12.08 32.14 13.01
CA LYS A 91 -11.68 32.65 14.34
C LYS A 91 -10.28 33.24 14.37
N HIS A 92 -9.43 32.79 13.42
CA HIS A 92 -8.02 33.12 13.49
C HIS A 92 -7.54 33.44 12.07
N PRO A 93 -7.64 34.70 11.64
CA PRO A 93 -7.36 35.14 10.26
C PRO A 93 -5.91 35.04 9.73
N THR A 94 -4.91 35.01 10.59
CA THR A 94 -3.53 35.08 10.07
C THR A 94 -2.73 33.84 10.30
N ILE A 95 -3.13 32.98 11.19
CA ILE A 95 -2.21 31.87 11.55
C ILE A 95 -2.16 30.91 10.35
N PRO A 96 -0.97 30.48 9.94
CA PRO A 96 -0.98 29.60 8.78
C PRO A 96 -1.48 28.18 9.15
N ILE A 97 -2.25 27.58 8.27
CA ILE A 97 -2.86 26.30 8.51
C ILE A 97 -2.41 25.33 7.37
N GLY A 98 -1.75 24.28 7.78
CA GLY A 98 -1.28 23.29 6.81
C GLY A 98 -2.06 22.00 7.09
N LEU A 99 -2.41 21.27 6.04
CA LEU A 99 -3.04 19.96 6.21
C LEU A 99 -1.99 18.90 5.93
N LEU A 100 -2.11 17.78 6.63
CA LEU A 100 -1.32 16.55 6.44
C LEU A 100 -2.32 15.55 5.85
N MET A 101 -2.11 15.21 4.58
CA MET A 101 -3.05 14.36 3.89
C MET A 101 -2.37 13.12 3.36
N TYR A 102 -3.17 12.08 3.12
CA TYR A 102 -2.73 10.98 2.26
C TYR A 102 -3.35 11.18 0.89
N ALA A 103 -2.64 10.65 -0.10
CA ALA A 103 -3.04 10.94 -1.47
C ALA A 103 -4.42 10.56 -1.82
N ASN A 104 -4.89 9.40 -1.36
CA ASN A 104 -6.21 9.01 -1.84
C ASN A 104 -7.28 10.09 -1.54
N LEU A 105 -7.13 10.71 -0.35
CA LEU A 105 -8.13 11.73 0.03
C LEU A 105 -8.07 12.98 -0.87
N VAL A 106 -6.90 13.27 -1.41
CA VAL A 106 -6.78 14.40 -2.31
C VAL A 106 -7.24 14.04 -3.72
N PHE A 107 -6.94 12.83 -4.13
CA PHE A 107 -7.22 12.43 -5.54
C PHE A 107 -8.66 12.00 -5.72
N ASN A 108 -9.23 11.54 -4.63
CA ASN A 108 -10.55 10.91 -4.53
C ASN A 108 -11.56 11.47 -5.43
N ASN A 109 -11.85 12.72 -5.23
CA ASN A 109 -12.85 13.28 -6.05
C ASN A 109 -12.34 14.38 -6.89
N GLY A 110 -11.05 14.28 -7.27
CA GLY A 110 -10.46 15.26 -8.16
C GLY A 110 -9.43 16.11 -7.42
N ILE A 111 -8.19 16.09 -7.91
CA ILE A 111 -7.11 16.77 -7.22
C ILE A 111 -7.39 18.25 -7.27
N ASP A 112 -7.81 18.74 -8.46
CA ASP A 112 -8.02 20.19 -8.52
C ASP A 112 -9.14 20.61 -7.55
N ALA A 113 -10.22 19.81 -7.51
CA ALA A 113 -11.37 20.09 -6.55
C ALA A 113 -10.89 20.11 -5.10
N PHE A 114 -9.95 19.21 -4.75
CA PHE A 114 -9.49 19.19 -3.34
C PHE A 114 -8.76 20.49 -3.07
N TYR A 115 -7.92 20.96 -4.00
CA TYR A 115 -7.21 22.17 -3.69
C TYR A 115 -8.10 23.38 -3.71
N ALA A 116 -9.11 23.35 -4.55
CA ALA A 116 -10.04 24.46 -4.57
C ALA A 116 -10.83 24.54 -3.23
N ARG A 117 -11.14 23.41 -2.64
CA ARG A 117 -11.84 23.39 -1.33
C ARG A 117 -10.91 23.92 -0.25
N CYS A 118 -9.60 23.60 -0.36
CA CYS A 118 -8.68 24.09 0.61
C CYS A 118 -8.67 25.60 0.48
N GLU A 119 -8.66 26.12 -0.73
CA GLU A 119 -8.55 27.54 -0.81
C GLU A 119 -9.85 28.21 -0.24
N GLN A 120 -10.98 27.58 -0.50
CA GLN A 120 -12.29 28.13 -0.08
C GLN A 120 -12.33 28.22 1.43
N VAL A 121 -11.77 27.24 2.14
CA VAL A 121 -11.88 27.30 3.64
C VAL A 121 -10.76 28.11 4.28
N GLY A 122 -9.74 28.44 3.50
CA GLY A 122 -8.65 29.27 3.98
C GLY A 122 -7.40 28.59 4.53
N VAL A 123 -7.19 27.33 4.08
CA VAL A 123 -5.96 26.53 4.28
C VAL A 123 -4.84 27.13 3.46
N ASP A 124 -3.62 27.08 3.99
CA ASP A 124 -2.43 27.67 3.38
C ASP A 124 -1.50 26.66 2.72
N SER A 125 -1.48 25.44 3.22
CA SER A 125 -0.57 24.43 2.61
C SER A 125 -1.11 23.05 2.78
N VAL A 126 -0.54 22.15 1.97
CA VAL A 126 -0.92 20.75 2.01
C VAL A 126 0.36 19.91 1.82
N LEU A 127 0.61 18.98 2.74
CA LEU A 127 1.70 18.00 2.64
C LEU A 127 0.98 16.71 2.38
N VAL A 128 1.26 16.07 1.23
CA VAL A 128 0.63 14.76 0.96
C VAL A 128 1.69 13.75 1.25
N ALA A 129 1.49 13.00 2.32
CA ALA A 129 2.59 12.15 2.88
C ALA A 129 3.18 11.08 1.92
N ASP A 130 2.33 10.53 1.05
CA ASP A 130 2.73 9.42 0.15
C ASP A 130 2.82 9.89 -1.30
N VAL A 131 3.12 11.17 -1.50
CA VAL A 131 3.44 11.63 -2.86
C VAL A 131 4.85 12.16 -2.85
N PRO A 132 5.78 11.38 -3.38
CA PRO A 132 7.16 11.86 -3.41
C PRO A 132 7.32 12.90 -4.52
N VAL A 133 8.44 13.57 -4.57
CA VAL A 133 8.56 14.61 -5.62
C VAL A 133 8.39 14.06 -7.02
N GLU A 134 8.84 12.84 -7.22
CA GLU A 134 8.66 12.20 -8.51
C GLU A 134 7.22 12.13 -9.00
N GLU A 135 6.22 12.04 -8.09
CA GLU A 135 4.83 11.89 -8.49
C GLU A 135 4.07 13.19 -8.27
N SER A 136 4.78 14.25 -7.88
CA SER A 136 4.07 15.44 -7.35
C SER A 136 3.44 16.42 -8.33
N ALA A 137 3.84 16.29 -9.59
CA ALA A 137 3.39 17.30 -10.52
C ALA A 137 1.90 17.73 -10.46
N PRO A 138 0.95 16.84 -10.63
CA PRO A 138 -0.45 17.31 -10.63
C PRO A 138 -0.83 17.93 -9.30
N PHE A 139 -0.19 17.45 -8.21
CA PHE A 139 -0.48 18.00 -6.87
C PHE A 139 0.06 19.41 -6.68
N ARG A 140 1.30 19.60 -7.07
CA ARG A 140 1.91 20.93 -6.89
C ARG A 140 1.25 21.91 -7.84
N GLN A 141 0.91 21.47 -9.06
CA GLN A 141 0.26 22.40 -9.97
C GLN A 141 -1.10 22.83 -9.55
N ALA A 142 -1.89 21.91 -9.04
CA ALA A 142 -3.19 22.26 -8.55
C ALA A 142 -3.06 23.15 -7.29
N ALA A 143 -2.06 22.84 -6.45
CA ALA A 143 -1.88 23.64 -5.22
C ALA A 143 -1.62 25.06 -5.64
N LEU A 144 -0.66 25.24 -6.51
CA LEU A 144 -0.32 26.58 -6.84
C LEU A 144 -1.45 27.31 -7.59
N ARG A 145 -2.29 26.64 -8.36
CA ARG A 145 -3.41 27.34 -9.05
C ARG A 145 -4.40 27.83 -8.08
N HIS A 146 -4.38 27.21 -6.91
CA HIS A 146 -5.38 27.61 -5.88
C HIS A 146 -4.75 28.30 -4.70
N ASN A 147 -3.57 28.85 -4.87
CA ASN A 147 -2.92 29.64 -3.78
C ASN A 147 -2.66 28.83 -2.52
N ILE A 148 -2.30 27.56 -2.73
CA ILE A 148 -1.98 26.66 -1.63
C ILE A 148 -0.51 26.30 -1.82
N ALA A 149 0.23 26.29 -0.74
CA ALA A 149 1.64 25.93 -0.87
C ALA A 149 1.70 24.40 -0.82
N PRO A 150 2.34 23.77 -1.79
CA PRO A 150 2.59 22.34 -1.66
C PRO A 150 3.89 22.17 -0.84
N ILE A 151 3.81 21.36 0.22
CA ILE A 151 4.93 21.08 1.09
C ILE A 151 5.53 19.73 0.80
N PHE A 152 6.87 19.72 0.70
CA PHE A 152 7.65 18.51 0.55
C PHE A 152 8.56 18.20 1.72
N ILE A 153 8.73 16.89 1.92
CA ILE A 153 9.60 16.36 2.97
C ILE A 153 10.96 16.22 2.36
N CYS A 154 11.99 16.66 3.12
CA CYS A 154 13.38 16.51 2.71
C CYS A 154 13.97 15.53 3.71
N PRO A 155 14.27 14.33 3.26
CA PRO A 155 14.88 13.28 4.08
C PRO A 155 16.27 13.71 4.46
N PRO A 156 16.75 13.22 5.59
CA PRO A 156 18.04 13.72 6.13
C PRO A 156 19.34 13.37 5.32
N ASN A 157 19.25 12.40 4.44
CA ASN A 157 20.32 12.00 3.53
C ASN A 157 20.03 12.51 2.11
N ALA A 158 19.08 13.42 1.97
CA ALA A 158 18.68 13.79 0.61
C ALA A 158 19.89 14.13 -0.22
N ASP A 159 19.95 13.57 -1.43
CA ASP A 159 21.03 13.99 -2.32
C ASP A 159 20.77 15.38 -2.98
N ASP A 160 21.76 15.86 -3.71
CA ASP A 160 21.71 17.19 -4.22
C ASP A 160 20.56 17.43 -5.18
N ASP A 161 20.29 16.45 -6.04
CA ASP A 161 19.24 16.57 -7.00
C ASP A 161 17.92 16.67 -6.23
N LEU A 162 17.80 15.88 -5.18
CA LEU A 162 16.56 15.91 -4.42
C LEU A 162 16.42 17.26 -3.71
N LEU A 163 17.51 17.74 -3.12
CA LEU A 163 17.46 19.06 -2.50
C LEU A 163 17.03 20.14 -3.45
N ARG A 164 17.55 20.08 -4.69
CA ARG A 164 17.21 21.10 -5.65
C ARG A 164 15.74 21.00 -5.99
N GLN A 165 15.20 19.77 -6.06
CA GLN A 165 13.82 19.63 -6.48
C GLN A 165 12.94 20.06 -5.35
N VAL A 166 13.27 19.63 -4.15
CA VAL A 166 12.47 20.11 -3.01
C VAL A 166 12.50 21.64 -2.94
N ALA A 167 13.68 22.23 -3.14
CA ALA A 167 13.74 23.67 -3.17
C ALA A 167 12.88 24.31 -4.21
N SER A 168 12.92 23.74 -5.40
CA SER A 168 12.20 24.32 -6.53
C SER A 168 10.68 24.10 -6.41
N TYR A 169 10.27 22.93 -5.89
CA TYR A 169 8.85 22.56 -5.95
C TYR A 169 8.03 23.02 -4.74
N GLY A 170 8.63 23.16 -3.57
CA GLY A 170 7.84 23.44 -2.37
C GLY A 170 7.62 24.93 -2.20
N ARG A 171 6.68 25.28 -1.38
CA ARG A 171 6.42 26.68 -1.06
C ARG A 171 5.99 26.69 0.41
N GLY A 172 6.03 27.86 1.06
CA GLY A 172 5.49 27.99 2.42
C GLY A 172 6.53 27.55 3.45
N TYR A 173 6.75 26.24 3.58
CA TYR A 173 7.91 25.79 4.35
C TYR A 173 8.43 24.48 3.80
N THR A 174 9.63 24.05 4.17
CA THR A 174 10.16 22.77 3.70
C THR A 174 10.10 21.89 4.88
N TYR A 175 9.52 20.71 4.79
CA TYR A 175 9.46 19.83 5.96
C TYR A 175 10.78 19.09 6.08
N LEU A 176 11.54 19.38 7.14
CA LEU A 176 12.90 18.81 7.27
C LEU A 176 12.80 17.61 8.18
N LEU A 177 12.99 16.44 7.60
CA LEU A 177 12.74 15.23 8.33
C LEU A 177 13.91 14.92 9.24
N SER A 178 13.65 14.65 10.52
CA SER A 178 14.71 14.31 11.48
C SER A 178 15.41 12.96 11.30
N ARG A 179 14.68 12.00 10.71
CA ARG A 179 15.15 10.60 10.69
C ARG A 179 14.23 9.81 9.78
N SER A 180 14.68 8.61 9.41
CA SER A 180 13.80 7.71 8.68
C SER A 180 12.73 7.14 9.61
N GLY A 181 11.94 6.19 9.11
CA GLY A 181 10.87 5.62 9.92
C GLY A 181 9.56 6.41 9.69
N VAL A 182 8.69 6.38 10.72
CA VAL A 182 7.36 7.01 10.67
C VAL A 182 7.16 7.95 11.86
N THR A 183 6.04 8.69 11.88
CA THR A 183 5.93 9.73 12.92
C THR A 183 6.10 9.02 14.27
N GLY A 184 6.64 9.72 15.28
CA GLY A 184 6.61 9.12 16.63
C GLY A 184 7.39 10.09 17.53
N ALA A 185 7.07 10.11 18.81
CA ALA A 185 7.62 11.13 19.65
C ALA A 185 8.89 10.68 20.34
N GLU A 186 9.03 9.36 20.35
CA GLU A 186 9.99 8.74 21.25
C GLU A 186 11.36 8.72 20.64
N ASN A 187 11.40 8.35 19.37
CA ASN A 187 12.65 8.29 18.65
C ASN A 187 13.18 9.65 18.19
N ARG A 188 14.22 10.12 18.87
CA ARG A 188 14.92 11.36 18.52
C ARG A 188 15.94 11.20 17.35
N GLY A 189 16.10 12.27 16.56
CA GLY A 189 16.94 12.24 15.37
C GLY A 189 18.42 12.40 15.63
N ALA A 190 19.19 11.42 15.16
CA ALA A 190 20.64 11.36 15.36
C ALA A 190 21.48 12.05 14.26
N LEU A 191 20.81 12.69 13.31
CA LEU A 191 21.49 13.31 12.24
C LEU A 191 21.71 14.82 12.34
N PRO A 192 22.98 15.22 12.21
CA PRO A 192 23.34 16.62 11.98
C PRO A 192 22.55 17.14 10.77
N LEU A 193 21.77 18.20 10.91
CA LEU A 193 21.00 18.66 9.77
C LEU A 193 21.49 20.01 9.22
N HIS A 194 22.55 20.53 9.82
CA HIS A 194 23.09 21.81 9.42
C HIS A 194 23.38 21.87 7.93
N HIS A 195 23.89 20.78 7.37
CA HIS A 195 24.24 20.75 5.95
C HIS A 195 23.01 20.84 5.01
N LEU A 196 22.02 20.00 5.25
CA LEU A 196 20.81 20.06 4.47
C LEU A 196 20.27 21.47 4.58
N ILE A 197 20.30 22.05 5.79
CA ILE A 197 19.71 23.39 5.99
C ILE A 197 20.41 24.44 5.16
N GLU A 198 21.72 24.35 5.07
CA GLU A 198 22.46 25.34 4.34
C GLU A 198 22.26 25.21 2.86
N LYS A 199 22.26 23.98 2.40
CA LYS A 199 22.00 23.67 1.02
C LYS A 199 20.56 24.14 0.67
N LEU A 200 19.58 23.86 1.53
CA LEU A 200 18.24 24.42 1.26
C LEU A 200 18.24 25.94 1.10
N LYS A 201 18.91 26.68 1.99
CA LYS A 201 18.99 28.12 1.87
C LYS A 201 19.69 28.48 0.55
N GLU A 202 20.74 27.77 0.24
CA GLU A 202 21.47 28.03 -0.98
C GLU A 202 20.57 27.98 -2.19
N TYR A 203 19.66 27.02 -2.20
CA TYR A 203 18.75 26.86 -3.32
C TYR A 203 17.44 27.64 -3.17
N HIS A 204 17.38 28.57 -2.22
CA HIS A 204 16.24 29.43 -1.93
C HIS A 204 15.00 28.58 -1.68
N ALA A 205 15.16 27.53 -0.93
CA ALA A 205 14.00 26.74 -0.56
C ALA A 205 13.13 27.49 0.49
N ALA A 206 11.87 27.07 0.58
CA ALA A 206 11.04 27.62 1.63
C ALA A 206 11.70 27.33 2.98
N PRO A 207 11.45 28.18 3.97
CA PRO A 207 12.09 27.99 5.28
C PRO A 207 11.87 26.60 5.86
N ALA A 208 12.89 26.04 6.53
CA ALA A 208 12.75 24.63 7.03
C ALA A 208 12.10 24.55 8.41
N LEU A 209 11.17 23.63 8.54
CA LEU A 209 10.60 23.31 9.86
C LEU A 209 11.03 21.87 10.09
N GLN A 210 11.73 21.61 11.21
CA GLN A 210 12.14 20.23 11.52
C GLN A 210 11.04 19.41 12.16
N GLY A 211 10.83 18.18 11.69
CA GLY A 211 9.80 17.34 12.33
C GLY A 211 10.21 15.89 12.37
N PHE A 212 9.53 15.12 13.25
CA PHE A 212 9.70 13.65 13.59
C PHE A 212 10.54 13.57 14.89
N GLY A 213 9.92 13.05 15.94
CA GLY A 213 10.61 12.91 17.22
C GLY A 213 10.77 14.24 17.99
N ILE A 214 10.07 15.36 17.60
CA ILE A 214 10.29 16.67 18.24
C ILE A 214 9.38 16.66 19.47
N SER A 215 9.96 16.49 20.67
CA SER A 215 9.10 16.26 21.85
C SER A 215 9.46 17.08 23.10
N SER A 216 10.43 17.94 23.00
CA SER A 216 10.93 18.69 24.17
C SER A 216 11.44 20.03 23.79
N PRO A 217 11.38 20.95 24.70
CA PRO A 217 11.80 22.31 24.34
C PRO A 217 13.22 22.40 23.83
N GLU A 218 14.10 21.59 24.36
CA GLU A 218 15.50 21.73 23.92
C GLU A 218 15.67 21.40 22.44
N GLN A 219 14.76 20.60 21.90
CA GLN A 219 14.91 20.28 20.48
C GLN A 219 14.47 21.43 19.63
N VAL A 220 13.60 22.28 20.12
CA VAL A 220 13.11 23.42 19.41
C VAL A 220 14.29 24.44 19.31
N SER A 221 14.90 24.75 20.49
CA SER A 221 15.97 25.65 20.43
C SER A 221 17.15 25.07 19.63
N ALA A 222 17.34 23.79 19.65
CA ALA A 222 18.42 23.24 18.82
C ALA A 222 18.13 23.35 17.31
N ALA A 223 16.87 23.19 16.95
CA ALA A 223 16.61 23.26 15.50
C ALA A 223 16.87 24.65 15.01
N VAL A 224 16.47 25.63 15.80
CA VAL A 224 16.65 27.00 15.43
C VAL A 224 18.13 27.33 15.37
N ARG A 225 18.89 26.85 16.35
CA ARG A 225 20.35 27.08 16.35
C ARG A 225 21.01 26.46 15.14
N ALA A 226 20.51 25.32 14.67
CA ALA A 226 21.09 24.68 13.48
C ALA A 226 20.72 25.45 12.16
N GLY A 227 19.84 26.39 12.25
CA GLY A 227 19.46 27.21 11.09
C GLY A 227 18.07 26.94 10.55
N ALA A 228 17.33 26.06 11.22
CA ALA A 228 15.95 25.82 10.75
C ALA A 228 15.09 27.01 11.20
N ALA A 229 13.98 27.21 10.52
CA ALA A 229 13.11 28.31 10.87
C ALA A 229 12.21 27.94 12.02
N GLY A 230 12.21 26.66 12.38
CA GLY A 230 11.27 26.23 13.46
C GLY A 230 11.14 24.74 13.52
N ALA A 231 10.14 24.27 14.27
CA ALA A 231 9.97 22.86 14.44
C ALA A 231 8.54 22.53 14.54
N ILE A 232 8.18 21.27 14.16
CA ILE A 232 6.77 20.80 14.28
C ILE A 232 6.75 19.64 15.32
N SER A 233 5.77 19.65 16.23
CA SER A 233 5.62 18.57 17.18
C SER A 233 4.23 18.03 17.01
N GLY A 234 4.14 16.71 16.80
CA GLY A 234 2.84 16.14 16.66
C GLY A 234 2.62 14.97 17.57
N SER A 235 3.41 13.91 17.46
CA SER A 235 3.10 12.80 18.30
C SER A 235 3.08 13.21 19.76
N ALA A 236 3.99 14.11 20.17
CA ALA A 236 4.03 14.48 21.59
C ALA A 236 2.75 15.19 22.00
N ILE A 237 2.20 15.98 21.11
CA ILE A 237 0.93 16.68 21.40
C ILE A 237 -0.19 15.67 21.49
N VAL A 238 -0.19 14.74 20.51
CA VAL A 238 -1.27 13.73 20.43
C VAL A 238 -1.20 12.82 21.67
N LYS A 239 -0.02 12.54 22.19
CA LYS A 239 0.00 11.72 23.38
C LYS A 239 -0.66 12.38 24.57
N ILE A 240 -0.57 13.72 24.62
CA ILE A 240 -1.29 14.47 25.69
C ILE A 240 -2.79 14.29 25.58
N ILE A 241 -3.30 14.29 24.36
CA ILE A 241 -4.68 13.94 24.16
C ILE A 241 -4.96 12.52 24.66
N GLU A 242 -4.16 11.56 24.21
CA GLU A 242 -4.42 10.15 24.47
C GLU A 242 -4.41 9.89 25.98
N LYS A 243 -3.48 10.53 26.65
CA LYS A 243 -3.38 10.36 28.10
C LYS A 243 -4.53 11.01 28.89
N ASN A 244 -5.18 12.01 28.33
CA ASN A 244 -6.18 12.73 29.11
C ASN A 244 -7.60 12.58 28.66
N LEU A 245 -7.89 11.51 27.89
CA LEU A 245 -9.24 11.37 27.33
C LEU A 245 -10.35 11.48 28.35
N ALA A 246 -10.08 11.00 29.56
CA ALA A 246 -11.13 10.98 30.59
C ALA A 246 -11.32 12.35 31.26
N SER A 247 -10.37 13.28 31.09
CA SER A 247 -10.57 14.59 31.64
C SER A 247 -10.24 15.68 30.60
N PRO A 248 -11.24 16.06 29.85
CA PRO A 248 -11.12 17.13 28.85
C PRO A 248 -10.48 18.36 29.42
N LYS A 249 -10.81 18.73 30.68
CA LYS A 249 -10.22 19.91 31.27
C LYS A 249 -8.73 19.74 31.47
N GLN A 250 -8.30 18.64 32.08
CA GLN A 250 -6.90 18.43 32.31
C GLN A 250 -6.17 18.31 30.96
N MET A 251 -6.85 17.70 29.98
CA MET A 251 -6.26 17.61 28.62
C MET A 251 -5.88 19.01 28.11
N LEU A 252 -6.79 19.97 28.19
CA LEU A 252 -6.49 21.31 27.72
C LEU A 252 -5.40 21.96 28.54
N ALA A 253 -5.38 21.69 29.86
CA ALA A 253 -4.34 22.36 30.65
C ALA A 253 -2.96 21.84 30.29
N GLU A 254 -2.84 20.53 30.09
CA GLU A 254 -1.54 19.92 29.79
C GLU A 254 -1.12 20.30 28.36
N LEU A 255 -2.09 20.37 27.48
CA LEU A 255 -1.71 20.89 26.13
C LEU A 255 -1.15 22.34 26.23
N ARG A 256 -1.83 23.22 26.99
CA ARG A 256 -1.43 24.57 27.18
C ARG A 256 0.01 24.62 27.74
N SER A 257 0.27 23.87 28.80
CA SER A 257 1.61 23.88 29.41
C SER A 257 2.67 23.43 28.40
N PHE A 258 2.38 22.35 27.69
CA PHE A 258 3.39 21.83 26.72
C PHE A 258 3.64 22.81 25.61
N VAL A 259 2.59 23.32 24.97
CA VAL A 259 2.81 24.28 23.89
C VAL A 259 3.50 25.53 24.38
N SER A 260 3.07 26.04 25.53
CA SER A 260 3.78 27.18 26.06
C SER A 260 5.30 26.95 26.21
N ALA A 261 5.66 25.79 26.70
CA ALA A 261 7.11 25.54 26.92
C ALA A 261 7.85 25.36 25.61
N MET A 262 7.22 24.65 24.69
CA MET A 262 7.83 24.51 23.37
C MET A 262 7.99 25.84 22.67
N LYS A 263 6.97 26.72 22.71
CA LYS A 263 7.08 27.98 22.03
C LYS A 263 8.12 28.87 22.74
N ALA A 264 8.19 28.75 24.07
CA ALA A 264 9.16 29.60 24.80
C ALA A 264 10.58 29.27 24.31
N ALA A 265 10.87 28.00 24.05
CA ALA A 265 12.19 27.60 23.56
C ALA A 265 12.58 28.22 22.21
N SER A 266 11.62 28.75 21.48
CA SER A 266 11.92 29.30 20.14
C SER A 266 12.30 30.80 20.12
N ARG A 267 12.07 31.46 21.25
CA ARG A 267 12.22 32.94 21.39
C ARG A 267 13.71 33.31 21.54
N ALA A 268 14.06 34.51 21.03
CA ALA A 268 15.46 34.97 21.12
C ALA A 268 15.80 35.22 22.58
N THR B 1 13.06 9.48 -11.39
CA THR B 1 13.82 9.00 -12.64
C THR B 1 13.98 7.50 -12.44
N THR B 2 13.69 6.68 -13.44
CA THR B 2 13.85 5.25 -13.17
C THR B 2 14.34 4.65 -14.41
N LEU B 3 14.75 3.40 -14.30
CA LEU B 3 15.24 2.69 -15.47
C LEU B 3 14.11 2.16 -16.35
N LEU B 4 13.01 1.78 -15.68
CA LEU B 4 11.86 1.16 -16.34
C LEU B 4 10.62 2.02 -16.12
N ASN B 5 9.65 1.89 -17.00
CA ASN B 5 8.46 2.75 -16.83
C ASN B 5 7.61 2.31 -15.63
N PRO B 6 7.33 3.14 -14.68
CA PRO B 6 6.57 2.72 -13.50
C PRO B 6 5.08 2.63 -13.74
N TYR B 7 4.68 3.03 -14.93
CA TYR B 7 3.22 3.09 -15.25
C TYR B 7 2.82 2.12 -16.33
N PHE B 8 1.57 1.66 -16.25
CA PHE B 8 0.87 0.88 -17.30
C PHE B 8 -0.29 1.79 -17.68
N GLY B 9 -0.08 2.61 -18.73
CA GLY B 9 -1.09 3.65 -18.98
C GLY B 9 -1.15 4.57 -17.79
N GLU B 10 -2.35 4.81 -17.28
CA GLU B 10 -2.52 5.70 -16.16
C GLU B 10 -2.27 5.04 -14.82
N PHE B 11 -2.06 3.71 -14.81
CA PHE B 11 -2.06 3.00 -13.56
C PHE B 11 -0.66 2.65 -13.10
N GLY B 12 -0.47 2.65 -11.77
CA GLY B 12 0.84 2.23 -11.20
C GLY B 12 1.49 3.38 -10.46
N GLY B 13 2.78 3.62 -10.74
CA GLY B 13 3.46 4.74 -10.14
C GLY B 13 4.21 4.31 -8.88
N MET B 14 4.76 5.34 -8.19
CA MET B 14 5.54 5.11 -6.95
C MET B 14 5.07 6.08 -5.85
N TYR B 15 3.88 5.83 -5.29
CA TYR B 15 3.29 6.78 -4.35
C TYR B 15 3.67 6.34 -2.93
N VAL B 16 4.92 6.58 -2.61
CA VAL B 16 5.39 6.26 -1.27
C VAL B 16 5.98 7.53 -0.69
N PRO B 17 6.08 7.58 0.63
CA PRO B 17 6.79 8.71 1.24
C PRO B 17 8.21 8.80 0.69
N GLN B 18 8.65 10.05 0.58
CA GLN B 18 9.96 10.33 -0.04
C GLN B 18 11.03 9.42 0.56
N ILE B 19 10.96 9.16 1.86
CA ILE B 19 12.06 8.36 2.51
C ILE B 19 12.20 6.99 1.91
N LEU B 20 11.15 6.46 1.28
CA LEU B 20 11.26 5.10 0.67
C LEU B 20 11.72 5.12 -0.79
N MET B 21 11.81 6.29 -1.39
CA MET B 21 12.19 6.26 -2.81
C MET B 21 13.54 5.62 -3.04
N PRO B 22 14.56 5.95 -2.27
CA PRO B 22 15.83 5.27 -2.53
C PRO B 22 15.72 3.70 -2.48
N ALA B 23 14.93 3.18 -1.56
CA ALA B 23 14.75 1.75 -1.51
C ALA B 23 14.17 1.24 -2.82
N LEU B 24 13.18 1.95 -3.35
CA LEU B 24 12.61 1.51 -4.63
C LEU B 24 13.59 1.57 -5.79
N ASN B 25 14.35 2.64 -5.80
CA ASN B 25 15.28 2.84 -6.96
C ASN B 25 16.37 1.79 -6.84
N GLN B 26 16.79 1.51 -5.61
CA GLN B 26 17.83 0.49 -5.45
C GLN B 26 17.34 -0.89 -5.94
N LEU B 27 16.12 -1.22 -5.55
CA LEU B 27 15.49 -2.50 -5.93
C LEU B 27 15.33 -2.59 -7.42
N GLU B 28 14.89 -1.51 -8.08
CA GLU B 28 14.74 -1.53 -9.53
C GLU B 28 16.11 -1.76 -10.17
N GLU B 29 17.09 -1.00 -9.75
CA GLU B 29 18.44 -1.20 -10.37
C GLU B 29 18.90 -2.63 -10.13
N ALA B 30 18.72 -3.18 -8.93
CA ALA B 30 19.19 -4.54 -8.71
C ALA B 30 18.44 -5.59 -9.58
N PHE B 31 17.14 -5.36 -9.78
CA PHE B 31 16.33 -6.24 -10.59
C PHE B 31 16.81 -6.18 -12.06
N VAL B 32 17.03 -5.00 -12.59
CA VAL B 32 17.46 -4.87 -13.99
C VAL B 32 18.79 -5.58 -14.15
N SER B 33 19.64 -5.36 -13.19
CA SER B 33 20.97 -6.06 -13.21
C SER B 33 20.84 -7.57 -13.15
N ALA B 34 20.01 -8.06 -12.24
CA ALA B 34 19.78 -9.48 -12.12
C ALA B 34 19.20 -10.12 -13.36
N GLN B 35 18.28 -9.41 -14.04
CA GLN B 35 17.66 -9.98 -15.20
C GLN B 35 18.67 -10.15 -16.35
N LYS B 36 19.76 -9.40 -16.33
CA LYS B 36 20.79 -9.61 -17.38
C LYS B 36 21.92 -10.48 -16.89
N ASP B 37 21.85 -11.03 -15.70
CA ASP B 37 23.00 -11.67 -15.07
C ASP B 37 22.85 -13.16 -15.19
N PRO B 38 23.56 -13.83 -16.07
CA PRO B 38 23.23 -15.27 -16.24
C PRO B 38 23.40 -16.14 -15.02
N GLU B 39 24.25 -15.76 -14.12
CA GLU B 39 24.42 -16.53 -12.90
C GLU B 39 23.17 -16.40 -12.01
N PHE B 40 22.60 -15.19 -11.92
CA PHE B 40 21.32 -15.06 -11.16
C PHE B 40 20.24 -15.94 -11.79
N GLN B 41 20.15 -15.87 -13.12
CA GLN B 41 19.11 -16.62 -13.79
C GLN B 41 19.28 -18.14 -13.55
N ALA B 42 20.53 -18.63 -13.60
CA ALA B 42 20.77 -20.04 -13.41
C ALA B 42 20.46 -20.42 -11.96
N GLN B 43 20.78 -19.55 -11.02
CA GLN B 43 20.49 -19.86 -9.62
C GLN B 43 18.95 -19.94 -9.39
N PHE B 44 18.22 -19.00 -9.96
CA PHE B 44 16.75 -18.98 -9.80
C PHE B 44 16.19 -20.21 -10.46
N ALA B 45 16.66 -20.49 -11.70
CA ALA B 45 16.14 -21.71 -12.39
C ALA B 45 16.39 -22.99 -11.62
N ASP B 46 17.56 -23.04 -10.98
CA ASP B 46 17.92 -24.24 -10.23
C ASP B 46 16.97 -24.39 -9.02
N LEU B 47 16.65 -23.30 -8.31
CA LEU B 47 15.77 -23.45 -7.15
C LEU B 47 14.37 -23.80 -7.67
N LEU B 48 14.02 -23.16 -8.83
CA LEU B 48 12.62 -23.45 -9.23
C LEU B 48 12.48 -24.94 -9.63
N LYS B 49 13.51 -25.50 -10.27
CA LYS B 49 13.45 -26.88 -10.68
C LYS B 49 13.61 -27.89 -9.51
N ASN B 50 14.72 -27.71 -8.77
CA ASN B 50 15.09 -28.78 -7.85
C ASN B 50 14.60 -28.58 -6.45
N TYR B 51 14.07 -27.40 -6.16
CA TYR B 51 13.52 -27.12 -4.84
C TYR B 51 12.01 -26.99 -4.95
N ALA B 52 11.56 -26.14 -5.86
CA ALA B 52 10.11 -25.89 -6.01
C ALA B 52 9.36 -26.96 -6.86
N GLY B 53 10.09 -27.70 -7.73
CA GLY B 53 9.42 -28.74 -8.54
C GLY B 53 8.90 -28.31 -9.94
N ARG B 54 9.40 -27.18 -10.46
CA ARG B 54 9.07 -26.76 -11.81
C ARG B 54 9.75 -27.70 -12.80
N PRO B 55 9.19 -27.89 -13.99
CA PRO B 55 7.95 -27.28 -14.42
C PRO B 55 6.78 -28.06 -13.78
N THR B 56 5.65 -27.35 -13.65
CA THR B 56 4.45 -28.03 -13.14
C THR B 56 3.68 -28.63 -14.32
N ALA B 57 2.87 -29.65 -14.02
CA ALA B 57 2.08 -30.29 -15.03
C ALA B 57 0.96 -29.40 -15.63
N LEU B 58 0.58 -29.77 -16.83
CA LEU B 58 -0.56 -29.14 -17.48
C LEU B 58 -1.53 -30.43 -17.67
N THR B 59 -2.66 -30.41 -16.96
CA THR B 59 -3.53 -31.58 -16.92
C THR B 59 -4.78 -31.39 -17.73
N LYS B 60 -5.08 -32.37 -18.56
CA LYS B 60 -6.34 -32.19 -19.37
C LYS B 60 -7.44 -32.80 -18.48
N CYS B 61 -8.61 -32.20 -18.49
CA CYS B 61 -9.76 -32.59 -17.67
C CYS B 61 -10.89 -33.12 -18.54
N GLN B 62 -10.71 -34.31 -19.07
CA GLN B 62 -11.77 -34.80 -19.98
C GLN B 62 -13.06 -35.16 -19.24
N ASN B 63 -13.00 -35.64 -18.01
CA ASN B 63 -14.28 -35.93 -17.30
C ASN B 63 -15.17 -34.71 -17.16
N ILE B 64 -14.57 -33.59 -16.86
CA ILE B 64 -15.38 -32.34 -16.71
C ILE B 64 -16.07 -31.88 -17.97
N THR B 65 -15.36 -32.02 -19.09
CA THR B 65 -15.87 -31.48 -20.35
C THR B 65 -16.64 -32.47 -21.22
N ALA B 66 -16.84 -33.69 -20.71
CA ALA B 66 -17.48 -34.69 -21.52
C ALA B 66 -18.85 -34.25 -22.06
N GLY B 67 -19.00 -34.47 -23.34
CA GLY B 67 -20.28 -34.13 -23.95
C GLY B 67 -20.38 -32.72 -24.45
N THR B 68 -19.31 -31.99 -24.31
CA THR B 68 -19.27 -30.61 -24.81
C THR B 68 -18.12 -30.53 -25.78
N ARG B 69 -17.97 -29.39 -26.46
CA ARG B 69 -16.87 -29.14 -27.37
C ARG B 69 -15.79 -28.22 -26.73
N THR B 70 -15.76 -28.17 -25.38
CA THR B 70 -14.71 -27.52 -24.64
C THR B 70 -13.61 -28.57 -24.33
N THR B 71 -12.35 -28.21 -24.57
CA THR B 71 -11.27 -29.03 -24.01
C THR B 71 -10.65 -28.10 -22.97
N LEU B 72 -10.41 -28.63 -21.78
CA LEU B 72 -9.91 -27.82 -20.67
C LEU B 72 -8.65 -28.42 -20.07
N TYR B 73 -7.66 -27.58 -19.90
CA TYR B 73 -6.48 -28.01 -19.18
C TYR B 73 -6.33 -27.13 -17.95
N LEU B 74 -5.69 -27.72 -16.94
CA LEU B 74 -5.41 -26.93 -15.72
C LEU B 74 -3.87 -26.84 -15.58
N LYS B 75 -3.34 -25.65 -15.43
CA LYS B 75 -1.93 -25.48 -15.14
C LYS B 75 -1.73 -25.73 -13.63
N ARG B 76 -0.86 -26.71 -13.30
CA ARG B 76 -0.94 -27.28 -11.92
C ARG B 76 -0.03 -26.59 -10.93
N GLU B 77 -0.32 -25.29 -10.65
CA GLU B 77 0.54 -24.58 -9.69
C GLU B 77 0.21 -25.18 -8.27
N ASP B 78 -0.86 -25.99 -8.19
CA ASP B 78 -1.19 -26.64 -6.91
C ASP B 78 -0.13 -27.65 -6.56
N LEU B 79 0.64 -28.07 -7.57
CA LEU B 79 1.70 -29.06 -7.32
C LEU B 79 3.06 -28.39 -7.00
N LEU B 80 3.11 -27.06 -6.96
CA LEU B 80 4.36 -26.40 -6.66
C LEU B 80 4.62 -26.50 -5.18
N HIS B 81 5.89 -26.54 -4.80
CA HIS B 81 6.20 -26.61 -3.37
C HIS B 81 5.56 -25.46 -2.62
N GLY B 82 4.90 -25.76 -1.47
CA GLY B 82 4.12 -24.75 -0.78
C GLY B 82 2.66 -24.85 -1.18
N GLY B 83 2.31 -25.47 -2.30
CA GLY B 83 0.88 -25.68 -2.67
C GLY B 83 0.26 -24.51 -3.43
N ALA B 84 1.04 -23.48 -3.81
CA ALA B 84 0.45 -22.34 -4.56
C ALA B 84 1.54 -21.69 -5.30
N HIS B 85 1.12 -20.98 -6.34
CA HIS B 85 2.10 -20.32 -7.22
C HIS B 85 3.04 -19.27 -6.56
N LYS B 86 2.71 -18.77 -5.34
CA LYS B 86 3.44 -17.68 -4.71
C LYS B 86 4.88 -18.03 -4.51
N THR B 87 5.15 -19.31 -4.43
CA THR B 87 6.56 -19.81 -4.22
C THR B 87 7.52 -19.32 -5.36
N ASN B 88 7.02 -19.25 -6.60
CA ASN B 88 7.94 -18.80 -7.68
C ASN B 88 8.58 -17.48 -7.35
N GLN B 89 7.76 -16.50 -6.97
CA GLN B 89 8.31 -15.14 -6.97
C GLN B 89 9.02 -14.84 -5.64
N VAL B 90 8.63 -15.50 -4.55
CA VAL B 90 9.37 -15.28 -3.30
C VAL B 90 10.83 -15.79 -3.41
N LEU B 91 11.08 -16.86 -4.19
CA LEU B 91 12.42 -17.38 -4.38
C LEU B 91 13.14 -16.30 -5.13
N GLY B 92 12.51 -15.79 -6.21
CA GLY B 92 13.19 -14.71 -6.98
C GLY B 92 13.51 -13.46 -6.13
N GLN B 93 12.51 -13.00 -5.35
CA GLN B 93 12.74 -11.85 -4.51
C GLN B 93 13.79 -12.05 -3.40
N ALA B 94 13.88 -13.26 -2.89
CA ALA B 94 14.88 -13.63 -1.90
C ALA B 94 16.25 -13.57 -2.50
N LEU B 95 16.37 -14.00 -3.74
CA LEU B 95 17.65 -13.87 -4.42
C LEU B 95 17.98 -12.40 -4.68
N LEU B 96 16.98 -11.60 -5.04
CA LEU B 96 17.23 -10.16 -5.21
C LEU B 96 17.73 -9.57 -3.90
N ALA B 97 17.08 -9.95 -2.80
CA ALA B 97 17.49 -9.38 -1.54
C ALA B 97 18.99 -9.75 -1.26
N LYS B 98 19.28 -10.99 -1.53
CA LYS B 98 20.71 -11.37 -1.29
C LYS B 98 21.64 -10.63 -2.25
N ARG B 99 21.21 -10.43 -3.51
CA ARG B 99 22.07 -9.70 -4.45
C ARG B 99 22.37 -8.27 -3.94
N MET B 100 21.42 -7.67 -3.22
CA MET B 100 21.58 -6.33 -2.70
C MET B 100 22.31 -6.33 -1.34
N GLY B 101 22.63 -7.51 -0.88
CA GLY B 101 23.38 -7.62 0.40
C GLY B 101 22.51 -7.58 1.63
N LYS B 102 21.20 -7.73 1.46
CA LYS B 102 20.27 -7.65 2.63
C LYS B 102 20.15 -8.98 3.32
N SER B 103 19.96 -8.98 4.66
CA SER B 103 19.89 -10.20 5.42
C SER B 103 18.53 -10.44 6.01
N GLU B 104 17.60 -9.49 5.86
CA GLU B 104 16.30 -9.56 6.50
C GLU B 104 15.21 -9.38 5.44
N ILE B 105 14.08 -10.02 5.69
CA ILE B 105 12.87 -9.99 4.83
C ILE B 105 11.71 -9.54 5.69
N ILE B 106 10.93 -8.61 5.13
CA ILE B 106 9.65 -8.16 5.73
C ILE B 106 8.58 -8.65 4.75
N ALA B 107 7.47 -9.24 5.24
CA ALA B 107 6.38 -9.56 4.26
C ALA B 107 5.04 -9.39 4.92
N GLU B 108 4.01 -9.10 4.11
CA GLU B 108 2.67 -8.97 4.68
C GLU B 108 1.91 -10.22 4.27
N THR B 109 0.86 -10.60 5.00
CA THR B 109 0.01 -11.66 4.46
C THR B 109 -1.41 -11.56 5.00
N GLY B 110 -2.38 -12.05 4.22
CA GLY B 110 -3.79 -12.04 4.59
C GLY B 110 -4.25 -13.44 5.05
N ALA B 111 -4.40 -14.28 4.06
CA ALA B 111 -4.80 -15.68 4.33
C ALA B 111 -3.62 -16.50 4.81
N GLY B 112 -2.38 -15.98 4.74
CA GLY B 112 -1.31 -16.74 5.31
C GLY B 112 -0.38 -17.32 4.21
N GLN B 113 -0.84 -17.51 2.99
CA GLN B 113 0.00 -18.22 2.02
C GLN B 113 1.24 -17.46 1.71
N HIS B 114 1.11 -16.12 1.50
CA HIS B 114 2.32 -15.34 1.23
C HIS B 114 3.32 -15.39 2.42
N GLY B 115 2.78 -15.45 3.64
CA GLY B 115 3.65 -15.54 4.83
C GLY B 115 4.41 -16.87 4.79
N VAL B 116 3.70 -17.96 4.49
CA VAL B 116 4.33 -19.28 4.42
C VAL B 116 5.36 -19.32 3.35
N ALA B 117 5.03 -18.80 2.16
CA ALA B 117 5.97 -18.76 1.06
C ALA B 117 7.20 -17.94 1.43
N SER B 118 7.02 -16.80 2.08
CA SER B 118 8.15 -15.92 2.27
C SER B 118 8.94 -16.60 3.38
N ALA B 119 8.26 -17.25 4.35
CA ALA B 119 9.03 -17.94 5.40
C ALA B 119 9.83 -19.09 4.79
N LEU B 120 9.25 -19.86 3.87
CA LEU B 120 10.06 -20.99 3.33
C LEU B 120 11.26 -20.52 2.55
N ALA B 121 11.04 -19.46 1.76
CA ALA B 121 12.15 -18.99 0.90
C ALA B 121 13.23 -18.46 1.83
N SER B 122 12.78 -17.74 2.87
CA SER B 122 13.76 -17.17 3.83
C SER B 122 14.55 -18.25 4.55
N ALA B 123 13.85 -19.31 4.96
CA ALA B 123 14.52 -20.44 5.64
C ALA B 123 15.55 -21.08 4.69
N LEU B 124 15.17 -21.32 3.44
CA LEU B 124 16.09 -21.99 2.53
C LEU B 124 17.31 -21.13 2.24
N LEU B 125 17.12 -19.83 2.14
CA LEU B 125 18.16 -18.92 1.66
C LEU B 125 18.91 -18.07 2.74
N GLY B 126 18.67 -18.37 3.98
CA GLY B 126 19.39 -17.76 5.11
C GLY B 126 19.01 -16.35 5.43
N LEU B 127 17.74 -16.01 5.32
CA LEU B 127 17.32 -14.65 5.57
C LEU B 127 16.46 -14.69 6.82
N LYS B 128 16.52 -13.64 7.60
CA LYS B 128 15.69 -13.50 8.81
C LYS B 128 14.35 -12.86 8.43
N CYS B 129 13.25 -13.57 8.60
CA CYS B 129 12.02 -13.13 7.97
C CYS B 129 11.09 -12.73 9.08
N ARG B 130 10.46 -11.56 8.92
CA ARG B 130 9.35 -11.14 9.84
C ARG B 130 8.12 -10.85 9.00
N ILE B 131 6.97 -11.27 9.48
CA ILE B 131 5.75 -11.21 8.70
C ILE B 131 4.69 -10.39 9.41
N TYR B 132 3.99 -9.53 8.68
CA TYR B 132 2.91 -8.77 9.35
C TYR B 132 1.64 -9.35 8.90
N MET B 133 0.71 -9.46 9.82
CA MET B 133 -0.56 -10.09 9.46
C MET B 133 -1.64 -9.46 10.35
N GLY B 134 -2.73 -8.95 9.77
CA GLY B 134 -3.81 -8.35 10.59
C GLY B 134 -4.30 -9.35 11.68
N ALA B 135 -4.57 -8.86 12.87
CA ALA B 135 -4.92 -9.74 13.96
C ALA B 135 -6.17 -10.55 13.65
N LYS B 136 -7.12 -9.99 12.89
CA LYS B 136 -8.33 -10.81 12.53
C LYS B 136 -7.90 -12.01 11.65
N ASP B 137 -6.96 -11.74 10.77
CA ASP B 137 -6.45 -12.85 10.01
C ASP B 137 -5.58 -13.82 10.79
N VAL B 138 -4.79 -13.34 11.71
CA VAL B 138 -4.06 -14.30 12.60
C VAL B 138 -5.02 -15.26 13.28
N GLU B 139 -6.11 -14.68 13.79
CA GLU B 139 -7.08 -15.54 14.49
C GLU B 139 -7.70 -16.61 13.63
N ARG B 140 -7.94 -16.31 12.35
CA ARG B 140 -8.57 -17.27 11.49
C ARG B 140 -7.64 -18.12 10.61
N GLN B 141 -6.34 -17.94 10.83
CA GLN B 141 -5.38 -18.68 10.00
C GLN B 141 -4.30 -19.29 10.89
N SER B 142 -4.80 -19.82 12.01
CA SER B 142 -3.88 -20.48 12.99
C SER B 142 -2.88 -21.52 12.38
N PRO B 143 -3.35 -22.39 11.51
CA PRO B 143 -2.49 -23.33 10.78
C PRO B 143 -1.30 -22.61 10.06
N ASN B 144 -1.59 -21.63 9.22
CA ASN B 144 -0.55 -20.93 8.48
C ASN B 144 0.38 -20.21 9.46
N VAL B 145 -0.16 -19.57 10.49
CA VAL B 145 0.72 -18.91 11.44
C VAL B 145 1.72 -19.91 12.06
N PHE B 146 1.22 -21.07 12.44
CA PHE B 146 2.17 -22.04 13.01
C PHE B 146 3.22 -22.57 11.95
N ARG B 147 2.80 -22.70 10.72
CA ARG B 147 3.77 -23.09 9.67
C ARG B 147 4.87 -22.03 9.55
N MET B 148 4.45 -20.75 9.51
CA MET B 148 5.46 -19.71 9.48
C MET B 148 6.44 -19.84 10.63
N ARG B 149 5.93 -20.05 11.82
CA ARG B 149 6.82 -20.15 12.96
C ARG B 149 7.74 -21.40 12.93
N LEU B 150 7.20 -22.51 12.47
CA LEU B 150 8.01 -23.77 12.41
C LEU B 150 9.15 -23.49 11.42
N MET B 151 8.92 -22.60 10.46
CA MET B 151 9.94 -22.24 9.46
C MET B 151 10.87 -21.09 9.87
N GLY B 152 10.81 -20.71 11.16
CA GLY B 152 11.69 -19.70 11.72
C GLY B 152 11.27 -18.26 11.55
N ALA B 153 10.12 -17.99 10.98
CA ALA B 153 9.79 -16.58 10.73
C ALA B 153 9.17 -16.01 11.98
N GLU B 154 9.33 -14.70 12.16
CA GLU B 154 8.59 -13.96 13.22
C GLU B 154 7.26 -13.48 12.70
N VAL B 155 6.13 -13.77 13.38
CA VAL B 155 4.80 -13.36 12.87
C VAL B 155 4.29 -12.30 13.85
N ILE B 156 3.97 -11.12 13.29
CA ILE B 156 3.61 -9.93 14.10
C ILE B 156 2.21 -9.51 13.75
N PRO B 157 1.31 -9.71 14.68
CA PRO B 157 -0.07 -9.31 14.45
C PRO B 157 -0.17 -7.84 14.40
N VAL B 158 -1.15 -7.37 13.52
CA VAL B 158 -1.38 -5.97 13.32
C VAL B 158 -2.80 -5.63 13.76
N HIS B 159 -2.91 -4.70 14.72
CA HIS B 159 -4.25 -4.48 15.35
C HIS B 159 -4.88 -3.20 14.89
N SER B 160 -4.16 -2.44 14.09
CA SER B 160 -4.64 -1.19 13.58
C SER B 160 -5.64 -1.37 12.46
N GLY B 161 -6.44 -0.31 12.26
CA GLY B 161 -7.43 -0.28 11.18
C GLY B 161 -8.38 -1.43 11.29
N SER B 162 -8.54 -2.16 10.19
CA SER B 162 -9.50 -3.22 10.18
C SER B 162 -8.85 -4.59 10.64
N ALA B 163 -7.53 -4.56 10.92
CA ALA B 163 -6.77 -5.71 11.42
C ALA B 163 -6.84 -6.80 10.40
N THR B 164 -6.77 -6.39 9.12
CA THR B 164 -6.64 -7.47 8.09
C THR B 164 -5.52 -7.09 7.09
N LEU B 165 -5.61 -7.58 5.85
CA LEU B 165 -4.42 -7.48 4.94
C LEU B 165 -4.01 -6.06 4.64
N LYS B 166 -4.95 -5.16 4.38
CA LYS B 166 -4.46 -3.80 4.06
C LYS B 166 -3.67 -3.18 5.22
N ASP B 167 -4.06 -3.49 6.45
CA ASP B 167 -3.44 -2.92 7.60
C ASP B 167 -2.06 -3.51 7.82
N ALA B 168 -1.94 -4.78 7.43
CA ALA B 168 -0.60 -5.44 7.42
C ALA B 168 0.29 -4.83 6.31
N CYS B 169 -0.29 -4.52 5.14
CA CYS B 169 0.42 -3.82 4.06
C CYS B 169 0.93 -2.51 4.62
N ASN B 170 0.09 -1.78 5.37
CA ASN B 170 0.57 -0.48 5.89
C ASN B 170 1.76 -0.73 6.81
N GLU B 171 1.61 -1.71 7.71
CA GLU B 171 2.63 -1.96 8.70
C GLU B 171 3.95 -2.41 8.08
N ALA B 172 3.88 -3.21 7.01
CA ALA B 172 5.12 -3.58 6.35
C ALA B 172 5.83 -2.30 5.84
N LEU B 173 5.08 -1.37 5.25
CA LEU B 173 5.70 -0.17 4.70
C LEU B 173 6.22 0.72 5.80
N ARG B 174 5.55 0.73 6.94
CA ARG B 174 6.07 1.56 8.00
C ARG B 174 7.41 1.02 8.43
N ASP B 175 7.45 -0.29 8.59
CA ASP B 175 8.69 -0.89 9.08
C ASP B 175 9.81 -0.66 8.04
N TRP B 176 9.44 -0.87 6.80
CA TRP B 176 10.51 -0.72 5.79
C TRP B 176 11.03 0.71 5.73
N SER B 177 10.15 1.70 5.98
CA SER B 177 10.55 3.11 5.97
C SER B 177 11.68 3.36 6.92
N GLY B 178 11.88 2.48 7.88
CA GLY B 178 12.93 2.68 8.88
C GLY B 178 14.07 1.67 8.74
N SER B 179 13.85 0.54 8.04
CA SER B 179 14.82 -0.58 8.02
C SER B 179 15.29 -1.01 6.67
N TYR B 180 14.97 -0.23 5.64
CA TYR B 180 15.35 -0.61 4.29
C TYR B 180 16.82 -0.79 4.07
N GLU B 181 17.66 -0.26 4.94
CA GLU B 181 19.09 -0.44 4.65
C GLU B 181 19.47 -1.89 4.95
N THR B 182 18.71 -2.58 5.80
CA THR B 182 19.08 -3.96 6.06
C THR B 182 18.03 -4.97 5.60
N ALA B 183 16.79 -4.48 5.32
CA ALA B 183 15.71 -5.43 5.08
C ALA B 183 15.13 -5.19 3.65
N HIS B 184 14.77 -6.30 3.02
CA HIS B 184 14.04 -6.20 1.79
C HIS B 184 12.56 -6.48 2.06
N TYR B 185 11.68 -5.68 1.45
CA TYR B 185 10.22 -5.90 1.60
C TYR B 185 9.80 -6.84 0.50
N MET B 186 9.44 -8.02 0.88
CA MET B 186 9.01 -9.10 -0.04
C MET B 186 7.49 -8.99 -0.17
N LEU B 187 7.08 -8.10 -1.06
CA LEU B 187 5.64 -7.82 -1.32
C LEU B 187 5.01 -9.03 -1.99
N GLY B 188 3.77 -9.29 -1.65
CA GLY B 188 3.14 -10.56 -2.00
C GLY B 188 2.29 -10.66 -3.26
N THR B 189 2.17 -9.55 -3.95
CA THR B 189 1.41 -9.64 -5.23
C THR B 189 1.94 -8.71 -6.33
N ALA B 190 1.33 -8.72 -7.54
CA ALA B 190 1.82 -7.84 -8.62
C ALA B 190 1.22 -6.46 -8.50
N ALA B 191 1.43 -5.85 -7.32
CA ALA B 191 0.84 -4.57 -7.07
C ALA B 191 1.79 -3.84 -6.14
N GLY B 192 1.34 -2.70 -5.62
CA GLY B 192 2.23 -1.82 -4.83
C GLY B 192 3.07 -0.92 -5.77
N PRO B 193 4.02 -0.19 -5.25
CA PRO B 193 4.78 0.79 -6.05
C PRO B 193 5.73 0.08 -6.98
N HIS B 194 6.00 0.71 -8.13
CA HIS B 194 7.05 0.21 -8.98
C HIS B 194 8.31 0.15 -8.13
N PRO B 195 9.13 -0.83 -8.32
CA PRO B 195 9.05 -1.82 -9.42
C PRO B 195 8.34 -3.13 -9.11
N TYR B 196 7.58 -3.19 -8.03
CA TYR B 196 7.01 -4.51 -7.69
C TYR B 196 6.07 -5.13 -8.74
N PRO B 197 5.16 -4.40 -9.35
CA PRO B 197 4.29 -5.07 -10.33
C PRO B 197 5.08 -5.69 -11.46
N THR B 198 6.17 -5.03 -11.84
CA THR B 198 7.00 -5.54 -12.88
C THR B 198 7.82 -6.77 -12.39
N ILE B 199 8.45 -6.66 -11.21
CA ILE B 199 9.25 -7.80 -10.68
C ILE B 199 8.40 -9.01 -10.48
N VAL B 200 7.23 -8.80 -9.84
CA VAL B 200 6.40 -9.98 -9.56
C VAL B 200 5.87 -10.66 -10.85
N ARG B 201 5.50 -9.87 -11.87
CA ARG B 201 5.14 -10.51 -13.14
C ARG B 201 6.32 -11.32 -13.67
N GLU B 202 7.48 -10.71 -13.70
CA GLU B 202 8.63 -11.40 -14.34
C GLU B 202 9.07 -12.68 -13.57
N PHE B 203 8.88 -12.64 -12.25
CA PHE B 203 9.20 -13.79 -11.46
C PHE B 203 8.00 -14.83 -11.38
N GLN B 204 6.89 -14.55 -12.12
CA GLN B 204 5.82 -15.49 -12.26
C GLN B 204 5.59 -15.92 -13.73
N ARG B 205 6.30 -15.26 -14.65
CA ARG B 205 5.95 -15.48 -16.09
C ARG B 205 6.28 -16.87 -16.59
N MET B 206 7.02 -17.67 -15.80
CA MET B 206 7.25 -19.05 -16.20
C MET B 206 5.95 -19.85 -16.24
N ILE B 207 4.95 -19.41 -15.48
CA ILE B 207 3.68 -20.15 -15.57
C ILE B 207 3.13 -20.13 -16.99
N GLY B 208 3.08 -18.92 -17.57
CA GLY B 208 2.52 -18.88 -18.93
C GLY B 208 3.53 -19.43 -19.92
N GLU B 209 4.82 -19.21 -19.70
CA GLU B 209 5.84 -19.76 -20.66
C GLU B 209 5.69 -21.27 -20.71
N GLU B 210 5.62 -21.94 -19.57
CA GLU B 210 5.50 -23.41 -19.58
C GLU B 210 4.14 -23.81 -20.22
N THR B 211 3.05 -23.11 -19.84
CA THR B 211 1.70 -23.39 -20.39
C THR B 211 1.77 -23.31 -21.91
N LYS B 212 2.48 -22.34 -22.43
CA LYS B 212 2.51 -22.20 -23.92
C LYS B 212 3.22 -23.42 -24.51
N ALA B 213 4.35 -23.83 -23.92
CA ALA B 213 5.08 -24.93 -24.53
C ALA B 213 4.28 -26.21 -24.40
N GLN B 214 3.63 -26.37 -23.27
CA GLN B 214 2.89 -27.56 -22.95
C GLN B 214 1.64 -27.68 -23.85
N ILE B 215 0.91 -26.57 -24.04
CA ILE B 215 -0.26 -26.68 -24.89
C ILE B 215 0.20 -26.87 -26.36
N LEU B 216 1.26 -26.25 -26.77
CA LEU B 216 1.68 -26.51 -28.19
C LEU B 216 2.06 -27.98 -28.34
N ASP B 217 2.78 -28.50 -27.36
CA ASP B 217 3.07 -29.91 -27.41
C ASP B 217 1.87 -30.82 -27.51
N LYS B 218 0.88 -30.56 -26.68
CA LYS B 218 -0.21 -31.46 -26.61
C LYS B 218 -1.32 -31.22 -27.64
N GLU B 219 -1.48 -29.99 -28.08
CA GLU B 219 -2.62 -29.63 -28.99
C GLU B 219 -2.13 -29.01 -30.27
N GLY B 220 -0.86 -28.62 -30.35
CA GLY B 220 -0.35 -28.08 -31.61
C GLY B 220 -0.81 -26.69 -31.92
N ARG B 221 -1.36 -25.94 -30.93
CA ARG B 221 -1.80 -24.60 -31.19
C ARG B 221 -1.93 -23.91 -29.84
N LEU B 222 -2.21 -22.61 -29.89
CA LEU B 222 -2.36 -21.88 -28.61
C LEU B 222 -3.81 -22.01 -28.11
N PRO B 223 -3.99 -21.75 -26.82
CA PRO B 223 -5.35 -21.78 -26.28
C PRO B 223 -6.21 -20.69 -26.89
N ASP B 224 -7.52 -20.94 -26.91
CA ASP B 224 -8.45 -19.86 -27.20
C ASP B 224 -8.51 -18.86 -26.06
N ALA B 225 -8.37 -19.35 -24.83
CA ALA B 225 -8.32 -18.37 -23.72
C ALA B 225 -7.61 -19.04 -22.51
N VAL B 226 -6.93 -18.18 -21.76
CA VAL B 226 -6.31 -18.62 -20.47
C VAL B 226 -7.05 -17.82 -19.37
N ILE B 227 -7.37 -18.51 -18.26
CA ILE B 227 -8.30 -17.97 -17.30
C ILE B 227 -7.66 -18.07 -15.96
N ALA B 228 -7.67 -16.97 -15.21
CA ALA B 228 -7.02 -17.00 -13.87
C ALA B 228 -7.72 -16.10 -12.89
N CYS B 229 -7.76 -16.52 -11.62
CA CYS B 229 -8.37 -15.68 -10.63
C CYS B 229 -7.46 -14.47 -10.32
N VAL B 230 -8.09 -13.41 -9.84
CA VAL B 230 -7.37 -12.14 -9.58
C VAL B 230 -7.75 -11.65 -8.18
N GLY B 231 -6.79 -11.82 -7.27
CA GLY B 231 -6.83 -11.33 -5.86
C GLY B 231 -6.05 -10.02 -5.91
N GLY B 232 -4.73 -10.08 -6.07
CA GLY B 232 -3.91 -8.92 -6.31
C GLY B 232 -3.38 -8.92 -7.75
N GLY B 233 -3.32 -10.08 -8.40
CA GLY B 233 -2.98 -10.12 -9.80
C GLY B 233 -1.73 -10.95 -10.16
N SER B 234 -1.03 -11.54 -9.17
CA SER B 234 0.21 -12.24 -9.57
C SER B 234 0.04 -13.53 -10.34
N ASN B 235 -0.82 -14.43 -9.93
CA ASN B 235 -0.91 -15.70 -10.69
C ASN B 235 -1.46 -15.36 -12.09
N ALA B 236 -2.38 -14.41 -12.15
CA ALA B 236 -2.97 -14.12 -13.44
C ALA B 236 -1.96 -13.48 -14.37
N ILE B 237 -1.17 -12.48 -13.88
CA ILE B 237 -0.22 -11.89 -14.83
C ILE B 237 0.86 -12.93 -15.11
N GLY B 238 1.17 -13.79 -14.16
CA GLY B 238 2.14 -14.87 -14.51
C GLY B 238 1.66 -15.73 -15.65
N MET B 239 0.38 -16.09 -15.64
CA MET B 239 -0.16 -16.87 -16.75
C MET B 239 -0.25 -16.00 -18.02
N PHE B 240 -0.73 -14.74 -17.88
CA PHE B 240 -1.02 -14.00 -19.09
C PHE B 240 0.26 -13.48 -19.81
N ALA B 241 1.39 -13.26 -19.13
CA ALA B 241 2.43 -12.40 -19.72
C ALA B 241 2.91 -12.88 -21.04
N ASP B 242 3.24 -14.14 -21.10
CA ASP B 242 3.83 -14.68 -22.33
C ASP B 242 2.83 -14.78 -23.45
N PHE B 243 1.53 -14.65 -23.16
CA PHE B 243 0.55 -14.65 -24.21
C PHE B 243 0.10 -13.23 -24.63
N ILE B 244 0.61 -12.16 -24.00
CA ILE B 244 0.03 -10.86 -24.28
C ILE B 244 0.18 -10.54 -25.80
N ASN B 245 1.31 -10.88 -26.35
CA ASN B 245 1.49 -10.61 -27.79
C ASN B 245 0.86 -11.60 -28.75
N ASP B 246 0.27 -12.63 -28.22
CA ASP B 246 -0.46 -13.60 -29.05
C ASP B 246 -1.89 -13.15 -29.08
N THR B 247 -2.22 -12.33 -30.06
CA THR B 247 -3.51 -11.60 -29.97
C THR B 247 -4.72 -12.48 -30.06
N SER B 248 -4.58 -13.67 -30.61
CA SER B 248 -5.72 -14.58 -30.64
C SER B 248 -6.02 -15.20 -29.31
N VAL B 249 -5.13 -15.05 -28.33
CA VAL B 249 -5.40 -15.73 -27.04
C VAL B 249 -6.14 -14.85 -26.06
N GLY B 250 -7.34 -15.24 -25.63
CA GLY B 250 -8.09 -14.39 -24.73
C GLY B 250 -7.44 -14.50 -23.33
N LEU B 251 -7.42 -13.37 -22.60
CA LEU B 251 -6.88 -13.37 -21.26
C LEU B 251 -8.05 -13.02 -20.37
N ILE B 252 -8.53 -13.95 -19.51
CA ILE B 252 -9.67 -13.68 -18.70
C ILE B 252 -9.25 -13.74 -17.26
N GLY B 253 -9.49 -12.64 -16.56
CA GLY B 253 -9.17 -12.51 -15.12
C GLY B 253 -10.45 -12.59 -14.36
N VAL B 254 -10.48 -13.37 -13.28
CA VAL B 254 -11.72 -13.53 -12.51
C VAL B 254 -11.58 -13.02 -11.07
N GLU B 255 -12.29 -11.92 -10.78
CA GLU B 255 -12.32 -11.35 -9.42
C GLU B 255 -13.46 -12.03 -8.61
N PRO B 256 -13.37 -12.02 -7.28
CA PRO B 256 -14.42 -12.59 -6.42
C PRO B 256 -15.63 -11.70 -6.39
N GLY B 257 -16.74 -12.30 -6.74
CA GLY B 257 -18.00 -11.59 -6.69
C GLY B 257 -18.66 -11.73 -5.30
N GLY B 258 -18.09 -12.52 -4.41
CA GLY B 258 -18.61 -12.59 -3.03
C GLY B 258 -20.05 -13.05 -2.97
N HIS B 259 -20.89 -12.27 -2.27
CA HIS B 259 -22.32 -12.60 -2.21
C HIS B 259 -23.07 -12.12 -3.41
N GLY B 260 -22.37 -11.47 -4.34
CA GLY B 260 -22.96 -10.94 -5.55
C GLY B 260 -22.62 -9.47 -5.69
N ILE B 261 -22.30 -9.05 -6.92
CA ILE B 261 -21.86 -7.65 -7.08
C ILE B 261 -22.90 -6.65 -6.50
N GLU B 262 -24.17 -6.84 -6.84
CA GLU B 262 -25.24 -5.92 -6.41
C GLU B 262 -25.35 -5.81 -4.92
N THR B 263 -24.84 -6.79 -4.18
CA THR B 263 -24.90 -6.69 -2.71
C THR B 263 -23.87 -5.78 -2.10
N GLY B 264 -22.87 -5.45 -2.90
CA GLY B 264 -21.78 -4.67 -2.44
C GLY B 264 -20.78 -5.57 -1.65
N GLU B 265 -21.01 -6.84 -1.41
CA GLU B 265 -20.09 -7.58 -0.55
C GLU B 265 -19.33 -8.44 -1.52
N HIS B 266 -18.23 -7.87 -2.06
CA HIS B 266 -17.48 -8.59 -3.08
C HIS B 266 -16.04 -8.14 -2.98
N GLY B 267 -15.20 -8.61 -3.91
CA GLY B 267 -13.79 -8.24 -3.98
C GLY B 267 -13.37 -7.98 -5.37
N ALA B 268 -14.18 -7.23 -6.10
CA ALA B 268 -13.94 -6.98 -7.53
C ALA B 268 -13.72 -5.49 -7.82
N PRO B 269 -12.63 -4.96 -7.31
CA PRO B 269 -12.35 -3.54 -7.56
C PRO B 269 -12.08 -3.16 -8.98
N LEU B 270 -11.48 -4.09 -9.75
CA LEU B 270 -11.06 -3.75 -11.14
C LEU B 270 -12.35 -3.36 -11.87
N LYS B 271 -13.42 -4.18 -11.76
CA LYS B 271 -14.61 -3.88 -12.56
C LYS B 271 -15.67 -3.13 -11.81
N HIS B 272 -15.56 -3.11 -10.48
CA HIS B 272 -16.62 -2.51 -9.69
C HIS B 272 -16.11 -1.64 -8.58
N GLY B 273 -14.87 -1.20 -8.66
CA GLY B 273 -14.36 -0.31 -7.62
C GLY B 273 -14.25 1.07 -8.22
N ARG B 274 -13.30 1.89 -7.77
CA ARG B 274 -13.08 3.27 -8.27
C ARG B 274 -11.56 3.51 -8.14
N VAL B 275 -10.95 4.07 -9.17
CA VAL B 275 -9.47 4.28 -9.10
C VAL B 275 -9.13 5.18 -7.89
N GLY B 276 -8.07 4.79 -7.17
CA GLY B 276 -7.62 5.61 -6.06
C GLY B 276 -6.10 5.52 -5.98
N ILE B 277 -5.51 6.15 -4.96
CA ILE B 277 -4.10 6.00 -4.74
C ILE B 277 -3.84 5.44 -3.40
N TYR B 278 -3.26 4.26 -3.33
CA TYR B 278 -3.01 3.69 -2.01
C TYR B 278 -2.01 2.56 -2.23
N PHE B 279 -1.33 2.21 -1.16
CA PHE B 279 -0.29 1.16 -1.21
C PHE B 279 0.70 1.41 -2.32
N GLY B 280 1.04 2.67 -2.51
CA GLY B 280 2.08 3.01 -3.46
C GLY B 280 1.72 3.06 -4.91
N MET B 281 0.45 2.93 -5.26
CA MET B 281 0.09 2.89 -6.69
C MET B 281 -1.27 3.56 -6.92
N LYS B 282 -1.48 3.96 -8.15
CA LYS B 282 -2.77 4.37 -8.60
C LYS B 282 -3.42 3.18 -9.30
N ALA B 283 -4.58 2.76 -8.80
CA ALA B 283 -5.27 1.60 -9.32
C ALA B 283 -6.71 1.58 -8.77
N PRO B 284 -7.57 0.79 -9.37
CA PRO B 284 -8.95 0.65 -8.83
C PRO B 284 -8.92 0.08 -7.43
N MET B 285 -9.73 0.62 -6.52
CA MET B 285 -9.61 0.23 -5.08
C MET B 285 -11.06 -0.05 -4.57
N MET B 286 -11.18 -0.89 -3.54
CA MET B 286 -12.40 -0.96 -2.76
C MET B 286 -12.27 0.24 -1.82
N GLN B 287 -13.20 1.14 -1.89
CA GLN B 287 -13.13 2.36 -1.06
C GLN B 287 -14.52 2.99 -0.88
N THR B 288 -14.71 3.64 0.25
CA THR B 288 -15.92 4.42 0.42
C THR B 288 -16.01 5.58 -0.56
N ALA B 289 -17.16 6.23 -0.57
CA ALA B 289 -17.38 7.34 -1.43
C ALA B 289 -16.42 8.53 -1.07
N ASP B 290 -16.08 8.61 0.21
CA ASP B 290 -15.20 9.73 0.70
C ASP B 290 -13.71 9.37 0.51
N GLY B 291 -13.40 8.16 0.07
CA GLY B 291 -12.00 7.80 -0.17
C GLY B 291 -11.32 7.00 0.96
N GLN B 292 -12.10 6.34 1.86
CA GLN B 292 -11.42 5.52 2.87
C GLN B 292 -11.28 4.10 2.25
N ILE B 293 -10.16 3.45 2.51
CA ILE B 293 -9.96 2.13 1.86
C ILE B 293 -10.80 1.11 2.62
N GLU B 294 -11.41 0.17 1.87
CA GLU B 294 -12.22 -0.90 2.48
C GLU B 294 -11.70 -2.27 2.10
N GLU B 295 -12.24 -3.25 2.79
CA GLU B 295 -11.79 -4.64 2.60
C GLU B 295 -12.46 -5.27 1.37
N SER B 296 -11.81 -6.28 0.80
CA SER B 296 -12.49 -7.08 -0.20
C SER B 296 -13.19 -8.23 0.55
N TYR B 297 -14.33 -8.69 0.04
CA TYR B 297 -15.03 -9.82 0.66
C TYR B 297 -15.05 -10.96 -0.37
N SER B 298 -14.70 -12.15 0.09
CA SER B 298 -14.84 -13.41 -0.66
C SER B 298 -14.94 -14.59 0.28
N ILE B 299 -15.60 -15.67 -0.18
CA ILE B 299 -15.55 -16.88 0.55
C ILE B 299 -14.09 -17.33 0.60
N SER B 300 -13.32 -16.94 -0.42
CA SER B 300 -11.92 -17.32 -0.43
C SER B 300 -11.07 -16.27 0.29
N ALA B 301 -10.37 -16.68 1.34
CA ALA B 301 -9.60 -15.74 2.11
C ALA B 301 -8.44 -15.14 1.35
N GLY B 302 -7.92 -15.79 0.31
CA GLY B 302 -6.78 -15.22 -0.37
C GLY B 302 -7.06 -14.27 -1.52
N LEU B 303 -8.33 -14.00 -1.79
CA LEU B 303 -8.63 -13.02 -2.81
C LEU B 303 -8.99 -11.70 -2.06
N ASP B 304 -8.24 -11.40 -1.00
CA ASP B 304 -8.55 -10.31 -0.09
C ASP B 304 -7.87 -8.96 -0.34
N PHE B 305 -6.96 -8.89 -1.30
CA PHE B 305 -6.27 -7.63 -1.54
C PHE B 305 -7.30 -6.64 -2.08
N PRO B 306 -7.47 -5.52 -1.42
CA PRO B 306 -8.58 -4.61 -1.79
C PRO B 306 -8.34 -3.70 -2.99
N SER B 307 -7.36 -4.09 -3.80
CA SER B 307 -7.10 -3.38 -5.01
C SER B 307 -6.71 -4.43 -6.07
N VAL B 308 -5.92 -4.04 -7.06
CA VAL B 308 -5.59 -5.02 -8.13
C VAL B 308 -4.34 -4.45 -8.80
N GLY B 309 -3.50 -5.33 -9.34
CA GLY B 309 -2.27 -4.82 -9.93
C GLY B 309 -2.54 -3.84 -11.09
N PRO B 310 -1.70 -2.83 -11.24
CA PRO B 310 -1.95 -1.78 -12.26
C PRO B 310 -1.85 -2.35 -13.68
N GLN B 311 -1.11 -3.43 -13.88
CA GLN B 311 -1.01 -3.94 -15.26
C GLN B 311 -2.34 -4.55 -15.71
N HIS B 312 -3.08 -5.08 -14.71
CA HIS B 312 -4.39 -5.64 -15.06
C HIS B 312 -5.37 -4.48 -15.42
N ALA B 313 -5.30 -3.41 -14.66
CA ALA B 313 -6.23 -2.30 -14.92
C ALA B 313 -5.90 -1.75 -16.30
N TYR B 314 -4.63 -1.79 -16.69
CA TYR B 314 -4.22 -1.27 -17.98
C TYR B 314 -4.69 -2.24 -19.11
N LEU B 315 -4.44 -3.54 -18.96
CA LEU B 315 -4.79 -4.53 -20.00
C LEU B 315 -6.33 -4.49 -20.16
N ASN B 316 -7.07 -4.27 -19.05
CA ASN B 316 -8.51 -4.14 -19.16
C ASN B 316 -8.85 -2.84 -19.99
N SER B 317 -8.21 -1.71 -19.68
CA SER B 317 -8.60 -0.45 -20.33
C SER B 317 -8.43 -0.46 -21.84
N ILE B 318 -7.40 -1.13 -22.35
CA ILE B 318 -7.13 -1.21 -23.79
C ILE B 318 -7.85 -2.39 -24.45
N GLY B 319 -8.54 -3.17 -23.62
CA GLY B 319 -9.34 -4.32 -24.04
C GLY B 319 -8.53 -5.54 -24.49
N ARG B 320 -7.30 -5.63 -23.98
CA ARG B 320 -6.52 -6.82 -24.33
C ARG B 320 -6.92 -7.96 -23.34
N ALA B 321 -7.22 -7.66 -22.11
CA ALA B 321 -7.75 -8.74 -21.21
C ALA B 321 -9.17 -8.39 -20.76
N ASP B 322 -9.96 -9.41 -20.47
CA ASP B 322 -11.31 -9.21 -19.95
C ASP B 322 -11.39 -9.69 -18.55
N TYR B 323 -12.18 -8.95 -17.75
CA TYR B 323 -12.27 -9.33 -16.34
C TYR B 323 -13.71 -9.51 -16.00
N VAL B 324 -14.01 -10.57 -15.24
CA VAL B 324 -15.37 -10.95 -14.87
C VAL B 324 -15.33 -11.26 -13.41
N SER B 325 -16.49 -11.60 -12.83
CA SER B 325 -16.46 -12.05 -11.48
C SER B 325 -17.25 -13.37 -11.29
N ILE B 326 -16.98 -14.05 -10.21
CA ILE B 326 -17.66 -15.34 -9.89
C ILE B 326 -18.03 -15.25 -8.41
N THR B 327 -19.27 -15.66 -8.07
CA THR B 327 -19.72 -15.58 -6.69
C THR B 327 -19.21 -16.76 -5.82
N ASP B 328 -19.39 -16.60 -4.52
CA ASP B 328 -19.01 -17.62 -3.59
C ASP B 328 -19.67 -18.95 -4.04
N ASP B 329 -20.97 -18.92 -4.37
CA ASP B 329 -21.63 -20.20 -4.66
C ASP B 329 -21.16 -20.80 -5.94
N GLU B 330 -20.81 -19.95 -6.90
CA GLU B 330 -20.25 -20.51 -8.11
C GLU B 330 -18.88 -21.11 -7.85
N ALA B 331 -18.09 -20.41 -7.04
CA ALA B 331 -16.75 -20.97 -6.73
C ALA B 331 -16.88 -22.28 -5.98
N LEU B 332 -17.81 -22.32 -5.02
CA LEU B 332 -17.99 -23.58 -4.29
C LEU B 332 -18.41 -24.74 -5.19
N GLU B 333 -19.31 -24.47 -6.15
CA GLU B 333 -19.74 -25.54 -7.03
C GLU B 333 -18.56 -26.04 -7.88
N ALA B 334 -17.69 -25.13 -8.31
CA ALA B 334 -16.54 -25.56 -9.10
C ALA B 334 -15.58 -26.38 -8.26
N PHE B 335 -15.40 -26.03 -7.00
CA PHE B 335 -14.54 -26.77 -6.09
C PHE B 335 -15.09 -28.21 -5.95
N LYS B 336 -16.38 -28.32 -5.76
CA LYS B 336 -16.99 -29.65 -5.62
C LYS B 336 -16.82 -30.45 -6.89
N THR B 337 -17.09 -29.80 -8.02
CA THR B 337 -17.01 -30.46 -9.32
C THR B 337 -15.62 -31.00 -9.63
N LEU B 338 -14.62 -30.24 -9.29
CA LEU B 338 -13.21 -30.70 -9.62
C LEU B 338 -12.88 -31.87 -8.67
N CYS B 339 -13.26 -31.75 -7.43
CA CYS B 339 -12.93 -32.88 -6.55
C CYS B 339 -13.55 -34.22 -7.08
N ARG B 340 -14.86 -34.14 -7.40
CA ARG B 340 -15.56 -35.35 -7.73
C ARG B 340 -15.19 -35.91 -9.08
N HIS B 341 -14.88 -35.04 -10.04
CA HIS B 341 -14.69 -35.51 -11.38
C HIS B 341 -13.25 -35.60 -11.80
N GLU B 342 -12.31 -35.05 -11.06
CA GLU B 342 -10.91 -35.14 -11.51
C GLU B 342 -10.01 -35.57 -10.34
N GLY B 343 -10.57 -35.69 -9.16
CA GLY B 343 -9.75 -36.09 -8.02
C GLY B 343 -8.67 -35.05 -7.67
N ILE B 344 -8.98 -33.76 -7.85
CA ILE B 344 -8.05 -32.68 -7.55
C ILE B 344 -8.80 -31.69 -6.67
N ILE B 345 -8.26 -31.35 -5.52
CA ILE B 345 -9.00 -30.41 -4.61
C ILE B 345 -8.35 -29.06 -4.84
N PRO B 346 -9.06 -28.14 -5.44
CA PRO B 346 -8.44 -26.84 -5.83
C PRO B 346 -8.59 -25.82 -4.74
N ALA B 347 -7.69 -24.84 -4.67
CA ALA B 347 -7.87 -23.74 -3.69
C ALA B 347 -9.20 -23.05 -4.05
N LEU B 348 -9.92 -22.55 -3.05
CA LEU B 348 -11.13 -21.78 -3.43
C LEU B 348 -10.77 -20.53 -4.25
N GLU B 349 -9.53 -19.96 -4.10
CA GLU B 349 -9.13 -18.88 -5.01
C GLU B 349 -9.23 -19.35 -6.42
N SER B 350 -8.52 -20.44 -6.71
CA SER B 350 -8.45 -20.98 -8.05
C SER B 350 -9.81 -21.46 -8.54
N SER B 351 -10.69 -21.89 -7.65
CA SER B 351 -12.00 -22.34 -8.03
C SER B 351 -12.80 -21.25 -8.70
N HIS B 352 -12.44 -19.98 -8.46
CA HIS B 352 -13.13 -18.86 -9.13
C HIS B 352 -12.79 -18.92 -10.64
N ALA B 353 -11.53 -19.16 -10.97
CA ALA B 353 -11.16 -19.31 -12.38
C ALA B 353 -11.86 -20.52 -13.01
N LEU B 354 -11.84 -21.65 -12.35
CA LEU B 354 -12.45 -22.87 -12.88
C LEU B 354 -13.93 -22.61 -13.10
N ALA B 355 -14.54 -21.97 -12.10
CA ALA B 355 -15.99 -21.70 -12.24
C ALA B 355 -16.32 -20.90 -13.49
N HIS B 356 -15.46 -19.93 -13.79
CA HIS B 356 -15.77 -19.16 -14.99
C HIS B 356 -15.59 -20.03 -16.26
N ALA B 357 -14.55 -20.85 -16.29
CA ALA B 357 -14.39 -21.78 -17.45
C ALA B 357 -15.57 -22.73 -17.52
N LEU B 358 -16.09 -23.18 -16.41
CA LEU B 358 -17.23 -24.11 -16.48
C LEU B 358 -18.45 -23.35 -17.09
N LYS B 359 -18.62 -22.08 -16.75
CA LYS B 359 -19.74 -21.33 -17.33
C LYS B 359 -19.52 -21.14 -18.85
N MET B 360 -18.26 -20.92 -19.26
CA MET B 360 -17.97 -20.75 -20.67
C MET B 360 -18.38 -22.03 -21.38
N MET B 361 -18.07 -23.17 -20.79
CA MET B 361 -18.47 -24.41 -21.34
C MET B 361 -19.98 -24.67 -21.31
N ARG B 362 -20.59 -24.48 -20.15
CA ARG B 362 -21.95 -24.94 -20.04
C ARG B 362 -22.89 -23.96 -20.77
N GLU B 363 -22.53 -22.66 -20.82
CA GLU B 363 -23.40 -21.67 -21.48
C GLU B 363 -23.57 -21.93 -22.96
N GLN B 364 -22.49 -22.45 -23.51
CA GLN B 364 -22.37 -22.73 -24.99
C GLN B 364 -21.68 -24.07 -25.26
N PRO B 365 -22.39 -25.17 -24.99
CA PRO B 365 -21.73 -26.49 -24.95
C PRO B 365 -21.30 -26.99 -26.30
N GLU B 366 -21.84 -26.42 -27.37
CA GLU B 366 -21.29 -26.83 -28.65
C GLU B 366 -20.34 -25.82 -29.26
N LYS B 367 -19.86 -24.84 -28.48
CA LYS B 367 -18.79 -24.01 -29.02
C LYS B 367 -17.44 -24.70 -28.88
N GLU B 368 -16.71 -24.77 -29.96
CA GLU B 368 -15.40 -25.44 -29.87
C GLU B 368 -14.42 -24.47 -29.16
N GLN B 369 -13.91 -24.86 -28.01
CA GLN B 369 -12.96 -23.99 -27.38
C GLN B 369 -11.92 -24.73 -26.54
N LEU B 370 -10.70 -24.24 -26.66
CA LEU B 370 -9.56 -24.81 -25.87
C LEU B 370 -9.15 -23.81 -24.81
N LEU B 371 -9.36 -24.22 -23.53
CA LEU B 371 -9.22 -23.29 -22.44
C LEU B 371 -8.13 -23.84 -21.51
N VAL B 372 -7.39 -22.94 -20.90
CA VAL B 372 -6.47 -23.32 -19.78
C VAL B 372 -6.93 -22.48 -18.57
N VAL B 373 -7.15 -23.17 -17.46
CA VAL B 373 -7.34 -22.48 -16.17
C VAL B 373 -6.07 -22.59 -15.37
N ASN B 374 -5.61 -21.49 -14.81
CA ASN B 374 -4.44 -21.54 -13.95
C ASN B 374 -4.87 -22.07 -12.62
N LEU B 375 -4.46 -23.29 -12.24
CA LEU B 375 -4.93 -23.77 -10.94
C LEU B 375 -3.87 -23.29 -9.96
N SER B 376 -4.10 -22.10 -9.45
CA SER B 376 -3.05 -21.36 -8.71
C SER B 376 -2.65 -22.06 -7.42
N GLY B 377 -3.55 -22.86 -6.82
CA GLY B 377 -3.14 -23.59 -5.58
C GLY B 377 -4.05 -24.76 -5.27
N ARG B 378 -3.64 -25.50 -4.23
CA ARG B 378 -4.43 -26.69 -3.79
C ARG B 378 -5.38 -26.26 -2.71
N GLY B 379 -6.40 -27.07 -2.44
CA GLY B 379 -7.50 -26.60 -1.61
C GLY B 379 -7.61 -27.41 -0.31
N ASP B 380 -6.57 -28.16 0.02
CA ASP B 380 -6.55 -28.84 1.33
C ASP B 380 -6.95 -27.89 2.46
N LYS B 381 -6.41 -26.66 2.41
CA LYS B 381 -6.64 -25.60 3.34
C LYS B 381 -8.10 -25.17 3.39
N ASP B 382 -8.91 -25.53 2.40
CA ASP B 382 -10.29 -25.03 2.33
C ASP B 382 -11.33 -26.05 2.73
N ILE B 383 -10.86 -27.26 3.08
CA ILE B 383 -11.74 -28.35 3.38
C ILE B 383 -12.77 -28.07 4.51
N PHE B 384 -12.31 -27.42 5.53
CA PHE B 384 -13.19 -27.06 6.70
C PHE B 384 -14.20 -26.01 6.33
N THR B 385 -13.75 -25.03 5.56
CA THR B 385 -14.70 -24.01 5.13
C THR B 385 -15.75 -24.58 4.28
N VAL B 386 -15.38 -25.49 3.39
CA VAL B 386 -16.34 -25.97 2.48
C VAL B 386 -17.28 -26.88 3.33
N HIS B 387 -16.67 -27.64 4.23
CA HIS B 387 -17.49 -28.58 5.03
C HIS B 387 -18.55 -27.92 5.81
N ASP B 388 -18.17 -26.88 6.53
CA ASP B 388 -19.11 -26.16 7.38
C ASP B 388 -20.21 -25.51 6.56
N ILE B 389 -19.87 -25.01 5.35
CA ILE B 389 -20.97 -24.44 4.55
C ILE B 389 -21.96 -25.51 4.15
N LEU B 390 -21.45 -26.59 3.58
CA LEU B 390 -22.31 -27.67 3.11
C LEU B 390 -23.05 -28.26 4.29
N LYS B 391 -22.48 -28.15 5.50
CA LYS B 391 -23.20 -28.64 6.67
C LYS B 391 -24.41 -27.73 6.94
N ALA B 392 -24.21 -26.40 6.88
CA ALA B 392 -25.29 -25.41 6.95
C ALA B 392 -26.39 -25.70 5.89
N ARG B 393 -26.12 -26.65 4.99
CA ARG B 393 -27.08 -27.04 3.95
C ARG B 393 -27.49 -28.50 4.03
N GLY B 394 -26.56 -29.38 4.42
CA GLY B 394 -26.78 -30.81 4.41
C GLY B 394 -25.65 -31.54 3.71
#